data_5W8M
#
_entry.id   5W8M
#
_cell.length_a   65.460
_cell.length_b   106.740
_cell.length_c   88.118
_cell.angle_alpha   90.00
_cell.angle_beta   95.45
_cell.angle_gamma   90.00
#
_symmetry.space_group_name_H-M   'P 1 21 1'
#
loop_
_entity.id
_entity.type
_entity.pdbx_description
1 polymer 'Vacuolar protein sorting-associated protein 29'
2 non-polymer 'TRIETHYLENE GLYCOL'
3 non-polymer GLYCEROL
4 water water
#
_entity_poly.entity_id   1
_entity_poly.type   'polypeptide(L)'
_entity_poly.pdbx_seq_one_letter_code
;GSMAFLILVIGNLHIPDRALDIPPKFKKLLSPGKISQTLCLGNLTDRATYDYLRSISPDLKIVRGRMDVEATSLPLMQVV
THGSLRIGFLEGFTLVSEEPDVLLAEANKLDVDVLCWAGGSHRFECFEYMDKFFVNPGSATGAFTTDWLAEGEEVVPSFC
LMDVQGISLTLYVYQLRKDENGTENVAVEKVTYTKPVEPTGAS
;
_entity_poly.pdbx_strand_id   A,B,C,D,E,F
#
loop_
_chem_comp.id
_chem_comp.type
_chem_comp.name
_chem_comp.formula
GOL non-polymer GLYCEROL 'C3 H8 O3'
PGE non-polymer 'TRIETHYLENE GLYCOL' 'C6 H14 O4'
#
# COMPACT_ATOMS: atom_id res chain seq x y z
N SER A 2 -16.22 -4.56 -6.30
CA SER A 2 -15.43 -3.48 -6.98
C SER A 2 -13.93 -3.63 -6.79
N MET A 3 -13.51 -4.71 -6.13
CA MET A 3 -12.09 -4.98 -5.92
C MET A 3 -11.40 -5.35 -7.24
N ALA A 4 -10.19 -4.85 -7.48
CA ALA A 4 -9.39 -5.34 -8.58
C ALA A 4 -9.17 -6.82 -8.35
N PHE A 5 -9.12 -7.61 -9.42
CA PHE A 5 -9.05 -9.05 -9.27
C PHE A 5 -8.19 -9.74 -10.32
N LEU A 6 -7.63 -8.96 -11.26
CA LEU A 6 -6.88 -9.54 -12.35
C LEU A 6 -5.39 -9.37 -12.17
N ILE A 7 -4.68 -10.40 -12.57
CA ILE A 7 -3.24 -10.43 -12.59
C ILE A 7 -2.77 -10.21 -14.00
N LEU A 8 -2.01 -9.16 -14.22
CA LEU A 8 -1.42 -8.89 -15.53
C LEU A 8 -0.12 -9.69 -15.68
N VAL A 9 0.01 -10.40 -16.79
CA VAL A 9 1.23 -11.12 -17.13
C VAL A 9 1.78 -10.49 -18.38
N ILE A 10 3.00 -9.96 -18.31
CA ILE A 10 3.52 -9.13 -19.37
C ILE A 10 5.03 -9.31 -19.44
N GLY A 11 5.61 -9.13 -20.61
CA GLY A 11 7.06 -9.24 -20.70
C GLY A 11 7.60 -8.93 -22.06
N ASN A 12 8.92 -9.07 -22.18
CA ASN A 12 9.61 -8.89 -23.45
C ASN A 12 9.23 -7.58 -24.13
N LEU A 13 9.25 -6.50 -23.35
CA LEU A 13 8.94 -5.19 -23.86
C LEU A 13 10.09 -4.62 -24.73
N HIS A 14 11.32 -4.75 -24.25
CA HIS A 14 12.49 -4.38 -25.02
C HIS A 14 12.41 -2.91 -25.52
N ILE A 15 11.98 -2.02 -24.62
CA ILE A 15 12.02 -0.59 -24.82
C ILE A 15 13.31 -0.04 -24.20
N PRO A 16 14.11 0.72 -24.98
CA PRO A 16 13.88 1.25 -26.33
C PRO A 16 14.59 0.52 -27.44
N ASP A 17 15.29 -0.57 -27.14
CA ASP A 17 16.21 -1.10 -28.14
C ASP A 17 15.52 -1.90 -29.26
N ARG A 18 14.35 -2.49 -29.00
CA ARG A 18 13.58 -3.15 -30.08
C ARG A 18 12.27 -2.46 -30.40
N ALA A 19 11.69 -1.78 -29.40
CA ALA A 19 10.41 -1.11 -29.55
C ALA A 19 10.44 0.22 -28.79
N LEU A 20 9.63 1.18 -29.19
CA LEU A 20 9.65 2.47 -28.54
C LEU A 20 8.58 2.60 -27.48
N ASP A 21 7.49 1.86 -27.60
CA ASP A 21 6.33 2.10 -26.75
C ASP A 21 5.41 0.90 -26.64
N ILE A 22 4.67 0.83 -25.55
CA ILE A 22 3.54 -0.08 -25.45
C ILE A 22 2.43 0.51 -26.32
N PRO A 23 1.82 -0.30 -27.21
CA PRO A 23 0.75 0.22 -28.08
C PRO A 23 -0.34 0.99 -27.33
N PRO A 24 -0.72 2.19 -27.81
CA PRO A 24 -1.79 2.93 -27.13
C PRO A 24 -3.04 2.09 -26.89
N LYS A 25 -3.39 1.21 -27.82
CA LYS A 25 -4.58 0.37 -27.61
C LYS A 25 -4.45 -0.57 -26.43
N PHE A 26 -3.23 -0.93 -26.08
CA PHE A 26 -3.00 -1.74 -24.90
C PHE A 26 -2.96 -0.89 -23.61
N LYS A 27 -2.37 0.31 -23.69
CA LYS A 27 -2.33 1.18 -22.52
C LYS A 27 -3.75 1.51 -22.02
N LYS A 28 -4.69 1.68 -22.96
CA LYS A 28 -6.10 1.89 -22.64
C LYS A 28 -6.64 0.77 -21.76
N LEU A 29 -6.20 -0.45 -22.04
CA LEU A 29 -6.75 -1.63 -21.39
C LEU A 29 -6.18 -1.80 -20.01
N LEU A 30 -5.03 -1.18 -19.78
CA LEU A 30 -4.31 -1.33 -18.51
C LEU A 30 -4.47 -0.07 -17.64
N SER A 31 -5.63 0.59 -17.75
CA SER A 31 -5.93 1.76 -16.91
C SER A 31 -6.08 1.38 -15.43
N PRO A 32 -5.94 2.38 -14.54
CA PRO A 32 -6.01 2.20 -13.08
C PRO A 32 -7.26 1.45 -12.58
N GLY A 33 -7.07 0.49 -11.67
CA GLY A 33 -8.17 -0.07 -10.89
C GLY A 33 -8.80 -1.38 -11.32
N LYS A 34 -8.25 -2.01 -12.36
CA LYS A 34 -8.70 -3.34 -12.79
C LYS A 34 -7.69 -4.42 -12.39
N ILE A 35 -6.43 -4.03 -12.36
CA ILE A 35 -5.34 -4.99 -12.18
C ILE A 35 -4.82 -4.94 -10.73
N SER A 36 -4.86 -6.08 -10.06
CA SER A 36 -4.46 -6.19 -8.66
CA SER A 36 -4.46 -6.17 -8.65
C SER A 36 -2.97 -6.44 -8.51
N GLN A 37 -2.37 -7.07 -9.50
CA GLN A 37 -0.96 -7.45 -9.44
C GLN A 37 -0.43 -7.58 -10.85
N THR A 38 0.83 -7.20 -11.06
CA THR A 38 1.50 -7.34 -12.34
C THR A 38 2.68 -8.28 -12.17
N LEU A 39 2.74 -9.31 -13.01
CA LEU A 39 3.91 -10.16 -13.13
C LEU A 39 4.63 -9.80 -14.40
N CYS A 40 5.81 -9.21 -14.29
CA CYS A 40 6.59 -8.78 -15.42
C CYS A 40 7.76 -9.73 -15.60
N LEU A 41 7.83 -10.36 -16.77
CA LEU A 41 8.76 -11.44 -16.98
C LEU A 41 10.10 -11.01 -17.56
N GLY A 42 10.38 -9.71 -17.52
CA GLY A 42 11.72 -9.22 -17.82
C GLY A 42 11.83 -8.52 -19.17
N ASN A 43 13.01 -7.94 -19.38
CA ASN A 43 13.40 -7.17 -20.57
C ASN A 43 12.52 -5.95 -20.74
N LEU A 44 12.74 -4.97 -19.86
CA LEU A 44 11.89 -3.80 -19.82
C LEU A 44 12.19 -2.86 -21.00
N THR A 45 13.40 -2.32 -21.16
CA THR A 45 14.54 -2.41 -20.28
C THR A 45 14.75 -1.11 -19.53
N ASP A 46 14.16 -0.01 -20.01
CA ASP A 46 14.55 1.29 -19.45
C ASP A 46 13.66 1.76 -18.29
N ARG A 47 14.06 2.86 -17.68
CA ARG A 47 13.42 3.36 -16.47
C ARG A 47 11.99 3.82 -16.72
N ALA A 48 11.77 4.49 -17.85
CA ALA A 48 10.43 4.95 -18.20
C ALA A 48 9.48 3.77 -18.24
N THR A 49 9.94 2.65 -18.76
CA THR A 49 9.08 1.48 -18.90
C THR A 49 8.80 0.88 -17.52
N TYR A 50 9.81 0.87 -16.65
CA TYR A 50 9.62 0.42 -15.28
C TYR A 50 8.59 1.29 -14.57
N ASP A 51 8.73 2.61 -14.72
CA ASP A 51 7.84 3.53 -14.03
C ASP A 51 6.41 3.34 -14.53
N TYR A 52 6.25 3.12 -15.83
CA TYR A 52 4.91 2.89 -16.36
C TYR A 52 4.32 1.62 -15.78
N LEU A 53 5.09 0.54 -15.73
CA LEU A 53 4.54 -0.71 -15.19
C LEU A 53 4.17 -0.53 -13.73
N ARG A 54 4.95 0.23 -12.98
CA ARG A 54 4.64 0.49 -11.58
C ARG A 54 3.30 1.17 -11.42
N SER A 55 2.94 2.01 -12.40
CA SER A 55 1.73 2.81 -12.34
C SER A 55 0.46 2.00 -12.60
N ILE A 56 0.59 0.81 -13.18
CA ILE A 56 -0.56 -0.02 -13.57
C ILE A 56 -1.27 -0.58 -12.37
N SER A 57 -0.49 -0.98 -11.37
CA SER A 57 -1.07 -1.69 -10.24
C SER A 57 -0.24 -1.48 -9.01
N PRO A 58 -0.84 -1.69 -7.85
CA PRO A 58 -0.15 -1.48 -6.58
C PRO A 58 0.89 -2.55 -6.24
N ASP A 59 0.98 -3.60 -7.02
CA ASP A 59 1.85 -4.73 -6.69
C ASP A 59 2.50 -5.23 -7.96
N LEU A 60 3.70 -4.73 -8.22
CA LEU A 60 4.51 -5.10 -9.35
C LEU A 60 5.55 -6.11 -8.89
N LYS A 61 5.49 -7.30 -9.46
CA LYS A 61 6.48 -8.36 -9.23
C LYS A 61 7.23 -8.57 -10.54
N ILE A 62 8.54 -8.37 -10.54
CA ILE A 62 9.35 -8.42 -11.77
C ILE A 62 10.42 -9.49 -11.62
N VAL A 63 10.76 -10.20 -12.70
CA VAL A 63 11.96 -11.01 -12.74
C VAL A 63 12.89 -10.46 -13.79
N ARG A 64 14.16 -10.76 -13.63
CA ARG A 64 15.21 -10.24 -14.48
C ARG A 64 15.31 -10.96 -15.81
N GLY A 65 15.33 -10.19 -16.89
CA GLY A 65 15.59 -10.69 -18.23
C GLY A 65 17.02 -10.46 -18.65
N ARG A 66 17.44 -11.18 -19.69
CA ARG A 66 18.84 -11.17 -20.09
C ARG A 66 19.30 -9.78 -20.55
N MET A 67 18.36 -8.94 -20.97
CA MET A 67 18.69 -7.58 -21.41
C MET A 67 18.57 -6.51 -20.31
N ASP A 68 18.07 -6.91 -19.13
CA ASP A 68 18.01 -6.01 -17.96
C ASP A 68 19.38 -6.06 -17.28
N VAL A 69 20.38 -5.56 -17.95
CA VAL A 69 21.77 -5.84 -17.56
C VAL A 69 22.24 -5.21 -16.22
N GLU A 70 21.73 -4.05 -15.81
CA GLU A 70 22.15 -3.44 -14.53
C GLU A 70 21.14 -3.67 -13.40
N ALA A 71 20.42 -4.77 -13.48
CA ALA A 71 19.21 -4.97 -12.69
C ALA A 71 19.43 -5.96 -11.58
N THR A 72 20.45 -5.72 -10.77
CA THR A 72 20.81 -6.61 -9.68
C THR A 72 19.71 -6.76 -8.65
N SER A 73 18.83 -5.77 -8.57
CA SER A 73 17.74 -5.82 -7.61
C SER A 73 16.52 -6.63 -8.09
N LEU A 74 16.58 -7.20 -9.30
CA LEU A 74 15.49 -8.03 -9.85
C LEU A 74 15.83 -9.51 -9.66
N PRO A 75 14.93 -10.27 -9.04
CA PRO A 75 15.19 -11.70 -8.85
C PRO A 75 15.11 -12.46 -10.17
N LEU A 76 15.79 -13.60 -10.26
CA LEU A 76 15.76 -14.41 -11.48
C LEU A 76 14.48 -15.23 -11.60
N MET A 77 13.79 -15.41 -10.49
CA MET A 77 12.54 -16.16 -10.45
C MET A 77 11.66 -15.55 -9.36
N GLN A 78 10.37 -15.86 -9.39
CA GLN A 78 9.42 -15.35 -8.43
C GLN A 78 8.25 -16.33 -8.33
N VAL A 79 7.62 -16.38 -7.17
CA VAL A 79 6.43 -17.21 -6.96
C VAL A 79 5.38 -16.42 -6.19
N VAL A 80 4.19 -16.31 -6.76
CA VAL A 80 3.06 -15.71 -6.08
C VAL A 80 2.00 -16.78 -5.85
N THR A 81 1.27 -16.63 -4.78
CA THR A 81 0.23 -17.56 -4.41
C THR A 81 -1.11 -16.83 -4.44
N HIS A 82 -2.07 -17.43 -5.14
CA HIS A 82 -3.43 -16.92 -5.26
C HIS A 82 -4.36 -18.07 -5.12
N GLY A 83 -5.36 -17.94 -4.26
CA GLY A 83 -6.22 -19.06 -3.97
C GLY A 83 -5.40 -20.24 -3.51
N SER A 84 -5.63 -21.37 -4.17
CA SER A 84 -4.90 -22.60 -3.89
C SER A 84 -3.76 -22.86 -4.87
N LEU A 85 -3.42 -21.87 -5.70
CA LEU A 85 -2.43 -22.04 -6.74
C LEU A 85 -1.14 -21.28 -6.44
N ARG A 86 -0.02 -21.95 -6.68
CA ARG A 86 1.28 -21.30 -6.73
C ARG A 86 1.63 -21.03 -8.19
N ILE A 87 1.97 -19.77 -8.49
CA ILE A 87 2.25 -19.30 -9.83
C ILE A 87 3.70 -18.80 -9.85
N GLY A 88 4.56 -19.52 -10.56
CA GLY A 88 5.94 -19.13 -10.66
C GLY A 88 6.22 -18.50 -12.01
N PHE A 89 7.26 -17.70 -12.05
CA PHE A 89 7.66 -17.13 -13.33
C PHE A 89 9.12 -16.76 -13.39
N LEU A 90 9.61 -16.67 -14.61
CA LEU A 90 11.01 -16.43 -14.94
C LEU A 90 11.05 -16.01 -16.39
N GLU A 91 12.17 -15.43 -16.84
CA GLU A 91 12.29 -15.08 -18.24
C GLU A 91 12.36 -16.35 -19.10
N GLY A 92 13.27 -17.26 -18.78
CA GLY A 92 13.33 -18.54 -19.45
C GLY A 92 13.38 -18.46 -20.96
N PHE A 93 14.23 -17.61 -21.51
CA PHE A 93 14.05 -17.24 -22.90
C PHE A 93 14.26 -18.40 -23.88
N THR A 94 14.98 -19.45 -23.48
CA THR A 94 15.20 -20.61 -24.40
C THR A 94 14.19 -21.76 -24.19
N LEU A 95 13.25 -21.62 -23.25
CA LEU A 95 12.25 -22.66 -23.01
C LEU A 95 11.24 -22.66 -24.16
N VAL A 96 10.85 -23.87 -24.58
CA VAL A 96 9.96 -24.02 -25.73
C VAL A 96 8.94 -25.12 -25.46
N SER A 97 7.73 -24.91 -25.94
CA SER A 97 6.66 -25.86 -25.67
C SER A 97 6.79 -27.19 -26.41
N GLU A 98 7.63 -27.31 -27.44
CA GLU A 98 7.83 -28.60 -28.09
C GLU A 98 8.82 -29.47 -27.30
N GLU A 99 9.35 -28.90 -26.21
CA GLU A 99 10.16 -29.63 -25.25
C GLU A 99 9.56 -29.39 -23.87
N PRO A 100 8.35 -29.92 -23.68
CA PRO A 100 7.58 -29.58 -22.50
C PRO A 100 8.19 -30.14 -21.20
N ASP A 101 9.04 -31.15 -21.30
CA ASP A 101 9.64 -31.71 -20.09
C ASP A 101 10.65 -30.74 -19.51
N VAL A 102 11.23 -29.90 -20.34
CA VAL A 102 12.17 -28.90 -19.83
C VAL A 102 11.41 -27.80 -19.07
N LEU A 103 10.27 -27.35 -19.59
CA LEU A 103 9.41 -26.46 -18.86
C LEU A 103 8.90 -27.11 -17.57
N LEU A 104 8.53 -28.38 -17.65
CA LEU A 104 8.04 -29.10 -16.48
C LEU A 104 9.12 -29.14 -15.41
N ALA A 105 10.36 -29.38 -15.82
CA ALA A 105 11.45 -29.41 -14.82
C ALA A 105 11.58 -28.06 -14.13
N GLU A 106 11.43 -26.96 -14.87
CA GLU A 106 11.46 -25.64 -14.23
C GLU A 106 10.26 -25.47 -13.29
N ALA A 107 9.08 -25.93 -13.68
CA ALA A 107 7.92 -25.83 -12.81
C ALA A 107 8.10 -26.66 -11.53
N ASN A 108 8.75 -27.80 -11.65
CA ASN A 108 9.00 -28.62 -10.47
C ASN A 108 10.09 -28.03 -9.59
N LYS A 109 11.04 -27.32 -10.20
CA LYS A 109 12.12 -26.65 -9.46
C LYS A 109 11.57 -25.49 -8.64
N LEU A 110 10.79 -24.61 -9.27
CA LEU A 110 10.12 -23.55 -8.54
C LEU A 110 9.03 -24.14 -7.64
N ASP A 111 8.53 -25.30 -8.03
CA ASP A 111 7.51 -26.07 -7.32
C ASP A 111 6.18 -25.32 -7.34
N VAL A 112 5.63 -25.20 -8.54
CA VAL A 112 4.45 -24.38 -8.78
C VAL A 112 3.44 -25.10 -9.68
N ASP A 113 2.19 -24.66 -9.59
CA ASP A 113 1.09 -25.21 -10.42
C ASP A 113 1.04 -24.59 -11.80
N VAL A 114 1.44 -23.32 -11.86
CA VAL A 114 1.37 -22.51 -13.05
C VAL A 114 2.75 -21.92 -13.24
N LEU A 115 3.31 -22.04 -14.44
CA LEU A 115 4.61 -21.45 -14.76
C LEU A 115 4.43 -20.52 -15.92
N CYS A 116 4.83 -19.27 -15.73
CA CYS A 116 4.86 -18.29 -16.80
C CYS A 116 6.30 -18.05 -17.22
N TRP A 117 6.54 -18.01 -18.53
CA TRP A 117 7.87 -17.74 -19.06
C TRP A 117 7.79 -16.85 -20.29
N ALA A 118 8.89 -16.19 -20.60
CA ALA A 118 8.95 -15.21 -21.68
C ALA A 118 9.89 -15.72 -22.78
N GLY A 119 9.46 -16.78 -23.46
CA GLY A 119 10.22 -17.37 -24.54
C GLY A 119 10.63 -16.33 -25.57
N GLY A 120 11.86 -16.47 -26.09
CA GLY A 120 12.41 -15.50 -27.01
C GLY A 120 11.72 -15.41 -28.36
N SER A 121 10.81 -16.32 -28.64
CA SER A 121 10.09 -16.30 -29.92
C SER A 121 9.02 -15.20 -29.93
N HIS A 122 8.67 -14.69 -28.76
CA HIS A 122 7.62 -13.66 -28.63
C HIS A 122 6.28 -14.10 -29.23
N ARG A 123 5.92 -15.36 -29.02
CA ARG A 123 4.61 -15.89 -29.38
C ARG A 123 3.84 -16.17 -28.12
N PHE A 124 2.64 -15.65 -28.02
CA PHE A 124 1.76 -16.07 -26.96
C PHE A 124 1.51 -17.56 -27.12
N GLU A 125 1.56 -18.29 -26.00
CA GLU A 125 0.93 -19.59 -26.00
C GLU A 125 0.68 -20.05 -24.59
N CYS A 126 -0.22 -21.01 -24.46
CA CYS A 126 -0.44 -21.67 -23.19
C CYS A 126 -0.77 -23.11 -23.49
N PHE A 127 -0.42 -23.95 -22.55
CA PHE A 127 -0.79 -25.36 -22.62
C PHE A 127 -0.84 -25.94 -21.22
N GLU A 128 -1.60 -27.03 -21.12
CA GLU A 128 -1.68 -27.79 -19.88
C GLU A 128 -0.84 -29.06 -20.06
N TYR A 129 -0.13 -29.47 -19.01
CA TYR A 129 0.74 -30.64 -19.06
C TYR A 129 1.03 -31.11 -17.64
N MET A 130 0.86 -32.42 -17.39
CA MET A 130 1.21 -33.00 -16.10
C MET A 130 0.57 -32.25 -14.95
N ASP A 131 -0.71 -31.94 -15.13
CA ASP A 131 -1.55 -31.28 -14.11
C ASP A 131 -1.18 -29.85 -13.82
N LYS A 132 -0.32 -29.26 -14.66
CA LYS A 132 0.18 -27.90 -14.49
C LYS A 132 -0.20 -27.06 -15.72
N PHE A 133 -0.03 -25.74 -15.62
CA PHE A 133 -0.41 -24.82 -16.66
C PHE A 133 0.79 -23.97 -16.99
N PHE A 134 1.04 -23.77 -18.28
CA PHE A 134 2.21 -23.08 -18.78
C PHE A 134 1.75 -21.92 -19.64
N VAL A 135 2.26 -20.73 -19.37
CA VAL A 135 1.80 -19.51 -20.00
C VAL A 135 2.97 -18.66 -20.47
N ASN A 136 2.98 -18.30 -21.75
CA ASN A 136 3.93 -17.34 -22.32
C ASN A 136 3.11 -16.18 -22.85
N PRO A 137 3.23 -15.00 -22.25
CA PRO A 137 2.35 -13.90 -22.65
C PRO A 137 2.72 -13.22 -23.97
N GLY A 138 3.84 -13.60 -24.56
CA GLY A 138 4.34 -12.91 -25.72
C GLY A 138 4.98 -11.59 -25.32
N SER A 139 5.14 -10.70 -26.31
CA SER A 139 5.77 -9.39 -26.12
C SER A 139 4.69 -8.32 -26.18
N ALA A 140 4.51 -7.54 -25.12
CA ALA A 140 3.45 -6.54 -25.13
C ALA A 140 3.70 -5.42 -26.12
N THR A 141 4.93 -5.26 -26.59
CA THR A 141 5.25 -4.25 -27.60
C THR A 141 5.32 -4.78 -29.02
N GLY A 142 5.20 -6.10 -29.17
CA GLY A 142 5.44 -6.72 -30.46
C GLY A 142 6.89 -6.61 -30.91
N ALA A 143 7.79 -6.59 -29.94
CA ALA A 143 9.22 -6.49 -30.24
C ALA A 143 9.65 -7.60 -31.18
N PHE A 144 10.54 -7.27 -32.12
CA PHE A 144 11.06 -8.28 -33.02
C PHE A 144 11.73 -9.42 -32.25
N THR A 145 11.69 -10.59 -32.87
CA THR A 145 12.31 -11.80 -32.33
C THR A 145 13.49 -12.16 -33.23
N THR A 146 14.46 -12.85 -32.64
CA THR A 146 15.53 -13.45 -33.40
C THR A 146 15.25 -14.91 -33.72
N ASP A 147 14.11 -15.41 -33.26
CA ASP A 147 13.71 -16.78 -33.56
C ASP A 147 13.22 -16.90 -34.99
N TRP A 148 12.95 -18.15 -35.37
CA TRP A 148 12.56 -18.51 -36.73
C TRP A 148 11.06 -18.28 -36.93
N LEU A 149 10.72 -17.35 -37.81
CA LEU A 149 9.31 -17.08 -38.12
C LEU A 149 8.89 -17.78 -39.41
N ALA A 150 7.65 -18.27 -39.41
CA ALA A 150 7.06 -18.78 -40.63
C ALA A 150 7.03 -17.65 -41.67
N GLU A 151 6.96 -18.02 -42.95
CA GLU A 151 7.15 -17.08 -44.07
C GLU A 151 6.52 -15.70 -43.88
N GLY A 152 5.20 -15.64 -43.78
CA GLY A 152 4.51 -14.36 -43.70
C GLY A 152 4.26 -13.86 -42.28
N GLU A 153 4.87 -14.52 -41.30
CA GLU A 153 4.58 -14.25 -39.89
C GLU A 153 5.33 -13.01 -39.38
N GLU A 154 4.63 -12.24 -38.56
CA GLU A 154 5.26 -11.15 -37.80
C GLU A 154 4.91 -11.32 -36.34
N VAL A 155 5.64 -10.66 -35.45
CA VAL A 155 5.32 -10.72 -34.04
C VAL A 155 4.03 -9.96 -33.77
N VAL A 156 3.16 -10.56 -32.97
CA VAL A 156 1.86 -10.03 -32.60
C VAL A 156 1.92 -9.53 -31.16
N PRO A 157 1.79 -8.21 -30.94
CA PRO A 157 1.80 -7.75 -29.55
C PRO A 157 0.75 -8.45 -28.69
N SER A 158 1.10 -8.82 -27.46
CA SER A 158 0.18 -9.54 -26.62
C SER A 158 0.54 -9.41 -25.15
N PHE A 159 -0.47 -9.61 -24.32
CA PHE A 159 -0.30 -9.81 -22.88
C PHE A 159 -1.49 -10.65 -22.38
N CYS A 160 -1.44 -11.10 -21.13
CA CYS A 160 -2.51 -11.89 -20.54
C CYS A 160 -3.00 -11.26 -19.25
N LEU A 161 -4.27 -11.50 -18.93
CA LEU A 161 -4.85 -11.17 -17.63
C LEU A 161 -5.40 -12.46 -17.04
N MET A 162 -5.14 -12.70 -15.76
CA MET A 162 -5.55 -13.95 -15.11
C MET A 162 -6.44 -13.68 -13.92
N ASP A 163 -7.52 -14.46 -13.84
CA ASP A 163 -8.50 -14.43 -12.77
C ASP A 163 -8.37 -15.76 -12.04
N VAL A 164 -7.89 -15.74 -10.80
CA VAL A 164 -7.76 -16.98 -10.02
C VAL A 164 -8.85 -17.09 -8.96
N GLN A 165 -9.52 -18.23 -8.94
CA GLN A 165 -10.53 -18.51 -7.91
C GLN A 165 -10.29 -19.91 -7.41
N GLY A 166 -9.77 -20.06 -6.20
CA GLY A 166 -9.58 -21.38 -5.63
C GLY A 166 -8.56 -22.17 -6.42
N ILE A 167 -8.99 -23.26 -7.04
CA ILE A 167 -8.09 -24.10 -7.84
C ILE A 167 -8.24 -23.82 -9.33
N SER A 168 -9.03 -22.79 -9.68
CA SER A 168 -9.31 -22.46 -11.07
C SER A 168 -8.67 -21.15 -11.49
N LEU A 169 -8.21 -21.12 -12.73
CA LEU A 169 -7.60 -19.93 -13.30
C LEU A 169 -8.23 -19.71 -14.65
N THR A 170 -8.74 -18.49 -14.86
CA THR A 170 -9.23 -18.07 -16.15
C THR A 170 -8.25 -17.06 -16.73
N LEU A 171 -7.79 -17.33 -17.94
CA LEU A 171 -6.78 -16.51 -18.60
C LEU A 171 -7.43 -15.83 -19.81
N TYR A 172 -7.24 -14.52 -19.91
CA TYR A 172 -7.61 -13.75 -21.09
C TYR A 172 -6.37 -13.31 -21.80
N VAL A 173 -6.25 -13.64 -23.08
CA VAL A 173 -5.14 -13.13 -23.87
C VAL A 173 -5.64 -12.04 -24.76
N TYR A 174 -4.87 -10.96 -24.81
CA TYR A 174 -5.14 -9.78 -25.62
C TYR A 174 -4.05 -9.72 -26.66
N GLN A 175 -4.45 -9.70 -27.93
CA GLN A 175 -3.52 -9.65 -29.05
C GLN A 175 -3.86 -8.50 -29.95
N LEU A 176 -2.87 -7.80 -30.46
CA LEU A 176 -3.11 -6.75 -31.43
C LEU A 176 -2.82 -7.33 -32.79
N ARG A 177 -3.88 -7.81 -33.44
CA ARG A 177 -3.74 -8.46 -34.72
C ARG A 177 -3.84 -7.46 -35.86
N LYS A 178 -2.93 -7.55 -36.81
CA LYS A 178 -2.91 -6.65 -37.96
C LYS A 178 -3.47 -7.38 -39.15
N ASP A 179 -4.25 -6.65 -39.93
CA ASP A 179 -4.91 -7.19 -41.10
C ASP A 179 -4.06 -6.89 -42.32
N GLU A 180 -4.50 -7.40 -43.45
CA GLU A 180 -3.68 -7.38 -44.66
C GLU A 180 -3.59 -5.96 -45.20
N ASN A 181 -4.49 -5.10 -44.71
CA ASN A 181 -4.62 -3.75 -45.22
C ASN A 181 -4.11 -2.71 -44.23
N GLY A 182 -3.30 -3.14 -43.27
CA GLY A 182 -2.78 -2.24 -42.27
C GLY A 182 -3.71 -2.06 -41.08
N THR A 183 -4.98 -2.41 -41.23
CA THR A 183 -5.92 -2.25 -40.12
C THR A 183 -5.55 -3.22 -39.02
N GLU A 184 -5.98 -2.90 -37.82
CA GLU A 184 -5.68 -3.75 -36.69
C GLU A 184 -6.82 -3.70 -35.70
N ASN A 185 -6.82 -4.69 -34.81
CA ASN A 185 -7.83 -4.73 -33.78
C ASN A 185 -7.28 -5.56 -32.65
N VAL A 186 -7.77 -5.25 -31.45
CA VAL A 186 -7.60 -6.08 -30.30
C VAL A 186 -8.49 -7.30 -30.46
N ALA A 187 -7.87 -8.47 -30.31
CA ALA A 187 -8.56 -9.76 -30.31
C ALA A 187 -8.32 -10.40 -28.97
N VAL A 188 -9.40 -10.87 -28.36
CA VAL A 188 -9.37 -11.49 -27.05
C VAL A 188 -9.74 -12.97 -27.15
N GLU A 189 -9.06 -13.83 -26.39
CA GLU A 189 -9.42 -15.22 -26.24
C GLU A 189 -9.34 -15.58 -24.76
N LYS A 190 -10.13 -16.57 -24.37
CA LYS A 190 -10.18 -17.06 -22.99
C LYS A 190 -9.74 -18.52 -22.95
N VAL A 191 -8.97 -18.83 -21.92
CA VAL A 191 -8.52 -20.19 -21.64
C VAL A 191 -8.78 -20.47 -20.17
N THR A 192 -9.12 -21.71 -19.83
CA THR A 192 -9.36 -22.06 -18.44
C THR A 192 -8.50 -23.25 -18.02
N TYR A 193 -7.95 -23.15 -16.81
CA TYR A 193 -7.21 -24.22 -16.18
C TYR A 193 -7.82 -24.49 -14.82
N THR A 194 -8.00 -25.77 -14.50
CA THR A 194 -8.39 -26.19 -13.16
C THR A 194 -7.43 -27.25 -12.67
N LYS A 195 -6.84 -26.98 -11.51
CA LYS A 195 -5.93 -27.94 -10.90
C LYS A 195 -6.66 -29.18 -10.49
N PRO A 196 -6.17 -30.36 -10.91
CA PRO A 196 -6.83 -31.61 -10.52
C PRO A 196 -6.77 -31.85 -9.01
N VAL A 197 -7.82 -32.44 -8.44
CA VAL A 197 -7.84 -32.72 -7.01
C VAL A 197 -6.90 -33.88 -6.67
N GLY B 1 -19.12 -2.85 -48.61
CA GLY B 1 -18.01 -1.88 -48.76
C GLY B 1 -18.39 -0.76 -49.72
N SER B 2 -19.70 -0.57 -49.92
CA SER B 2 -20.22 0.42 -50.87
C SER B 2 -20.34 1.82 -50.27
N MET B 3 -20.32 1.86 -48.94
CA MET B 3 -20.56 3.09 -48.17
C MET B 3 -21.89 3.75 -48.51
N ALA B 4 -22.83 2.93 -48.95
CA ALA B 4 -24.17 3.41 -49.30
C ALA B 4 -25.05 3.70 -48.09
N PHE B 5 -24.87 2.95 -47.00
CA PHE B 5 -25.77 3.07 -45.86
C PHE B 5 -24.90 3.23 -44.63
N LEU B 6 -24.49 4.47 -44.36
CA LEU B 6 -23.60 4.72 -43.24
C LEU B 6 -24.37 4.84 -41.92
N ILE B 7 -23.88 4.14 -40.92
CA ILE B 7 -24.47 4.11 -39.60
C ILE B 7 -23.55 4.84 -38.65
N LEU B 8 -24.08 5.91 -38.07
CA LEU B 8 -23.37 6.67 -37.04
C LEU B 8 -23.59 6.05 -35.67
N VAL B 9 -22.50 5.83 -34.94
CA VAL B 9 -22.51 5.34 -33.58
C VAL B 9 -21.88 6.42 -32.73
N ILE B 10 -22.68 6.95 -31.82
CA ILE B 10 -22.34 8.16 -31.08
C ILE B 10 -22.87 8.09 -29.66
N GLY B 11 -22.16 8.67 -28.71
CA GLY B 11 -22.68 8.74 -27.35
C GLY B 11 -21.92 9.71 -26.47
N ASN B 12 -22.26 9.66 -25.18
CA ASN B 12 -21.63 10.49 -24.17
C ASN B 12 -21.47 11.93 -24.59
N LEU B 13 -22.56 12.54 -25.03
CA LEU B 13 -22.50 13.93 -25.47
C LEU B 13 -22.47 14.88 -24.26
N HIS B 14 -23.36 14.65 -23.30
CA HIS B 14 -23.41 15.43 -22.04
C HIS B 14 -23.51 16.94 -22.28
N ILE B 15 -24.38 17.31 -23.22
CA ILE B 15 -24.76 18.70 -23.45
C ILE B 15 -26.05 19.00 -22.68
N PRO B 16 -26.07 20.06 -21.85
CA PRO B 16 -25.07 21.12 -21.66
C PRO B 16 -24.20 20.98 -20.41
N ASP B 17 -24.32 19.91 -19.63
CA ASP B 17 -23.70 19.90 -18.31
C ASP B 17 -22.17 19.74 -18.37
N ARG B 18 -21.66 19.05 -19.39
CA ARG B 18 -20.20 18.85 -19.49
C ARG B 18 -19.61 19.45 -20.75
N ALA B 19 -20.43 19.59 -21.78
CA ALA B 19 -19.99 20.20 -23.03
C ALA B 19 -21.10 21.09 -23.56
N LEU B 20 -20.79 22.08 -24.40
CA LEU B 20 -21.84 22.95 -24.89
C LEU B 20 -22.27 22.61 -26.30
N ASP B 21 -21.42 21.94 -27.06
CA ASP B 21 -21.84 21.49 -28.37
C ASP B 21 -20.92 20.43 -28.93
N ILE B 22 -21.33 19.86 -30.05
CA ILE B 22 -20.50 18.95 -30.77
C ILE B 22 -19.41 19.78 -31.44
N PRO B 23 -18.16 19.29 -31.44
CA PRO B 23 -17.06 20.04 -32.03
C PRO B 23 -17.34 20.48 -33.48
N PRO B 24 -17.06 21.73 -33.84
CA PRO B 24 -17.36 22.16 -35.21
C PRO B 24 -16.83 21.21 -36.29
N LYS B 25 -15.61 20.68 -36.14
CA LYS B 25 -15.05 19.81 -37.16
C LYS B 25 -15.89 18.54 -37.29
N PHE B 26 -16.46 18.07 -36.19
CA PHE B 26 -17.34 16.92 -36.28
C PHE B 26 -18.69 17.26 -36.90
N LYS B 27 -19.26 18.43 -36.59
CA LYS B 27 -20.56 18.77 -37.16
C LYS B 27 -20.46 18.77 -38.69
N LYS B 28 -19.33 19.20 -39.20
CA LYS B 28 -19.15 19.27 -40.63
C LYS B 28 -19.05 17.87 -41.22
N LEU B 29 -18.49 16.92 -40.49
CA LEU B 29 -18.44 15.52 -40.96
C LEU B 29 -19.81 14.86 -40.95
N LEU B 30 -20.69 15.37 -40.10
CA LEU B 30 -21.98 14.74 -39.88
C LEU B 30 -23.15 15.53 -40.48
N SER B 31 -22.85 16.45 -41.38
CA SER B 31 -23.89 17.31 -41.93
C SER B 31 -24.93 16.48 -42.69
N PRO B 32 -26.17 16.98 -42.76
CA PRO B 32 -27.26 16.18 -43.34
C PRO B 32 -27.00 15.65 -44.75
N GLY B 33 -27.51 14.46 -44.99
CA GLY B 33 -27.49 13.86 -46.31
C GLY B 33 -26.44 12.76 -46.42
N LYS B 34 -25.67 12.57 -45.36
CA LYS B 34 -24.54 11.63 -45.35
C LYS B 34 -24.86 10.34 -44.62
N ILE B 35 -25.47 10.49 -43.45
CA ILE B 35 -25.72 9.37 -42.55
C ILE B 35 -27.11 8.79 -42.79
N SER B 36 -27.21 7.46 -42.88
CA SER B 36 -28.51 6.82 -43.09
C SER B 36 -29.23 6.37 -41.81
N GLN B 37 -28.49 6.04 -40.76
CA GLN B 37 -29.07 5.68 -39.48
C GLN B 37 -28.11 6.08 -38.39
N THR B 38 -28.66 6.56 -37.28
CA THR B 38 -27.87 6.95 -36.10
C THR B 38 -28.23 6.07 -34.94
N LEU B 39 -27.21 5.43 -34.36
CA LEU B 39 -27.36 4.70 -33.10
C LEU B 39 -26.77 5.57 -32.03
N CYS B 40 -27.61 6.13 -31.18
CA CYS B 40 -27.18 7.04 -30.11
C CYS B 40 -27.23 6.30 -28.79
N LEU B 41 -26.08 6.25 -28.11
CA LEU B 41 -25.92 5.43 -26.93
C LEU B 41 -26.13 6.24 -25.65
N GLY B 42 -26.89 7.32 -25.77
CA GLY B 42 -27.37 8.04 -24.60
C GLY B 42 -26.51 9.20 -24.17
N ASN B 43 -26.99 9.85 -23.11
CA ASN B 43 -26.34 10.97 -22.43
C ASN B 43 -26.34 12.16 -23.37
N LEU B 44 -27.55 12.64 -23.67
CA LEU B 44 -27.67 13.67 -24.68
C LEU B 44 -27.17 15.04 -24.14
N THR B 45 -27.73 15.61 -23.08
CA THR B 45 -28.94 15.20 -22.39
C THR B 45 -30.14 16.05 -22.78
N ASP B 46 -29.91 17.24 -23.38
CA ASP B 46 -31.02 18.15 -23.56
C ASP B 46 -31.77 17.96 -24.88
N ARG B 47 -32.93 18.62 -24.96
CA ARG B 47 -33.77 18.51 -26.14
C ARG B 47 -33.08 19.07 -27.39
N ALA B 48 -32.31 20.13 -27.24
CA ALA B 48 -31.61 20.70 -28.38
C ALA B 48 -30.69 19.67 -29.03
N THR B 49 -30.01 18.87 -28.22
CA THR B 49 -29.13 17.84 -28.73
C THR B 49 -29.92 16.71 -29.38
N TYR B 50 -31.04 16.34 -28.79
CA TYR B 50 -31.94 15.38 -29.43
C TYR B 50 -32.35 15.86 -30.82
N ASP B 51 -32.76 17.12 -30.91
CA ASP B 51 -33.22 17.66 -32.17
C ASP B 51 -32.09 17.67 -33.19
N TYR B 52 -30.86 17.99 -32.76
CA TYR B 52 -29.73 17.97 -33.68
C TYR B 52 -29.48 16.56 -34.20
N LEU B 53 -29.51 15.59 -33.31
CA LEU B 53 -29.29 14.20 -33.73
C LEU B 53 -30.37 13.75 -34.71
N ARG B 54 -31.62 14.14 -34.46
CA ARG B 54 -32.70 13.83 -35.39
C ARG B 54 -32.44 14.38 -36.78
N SER B 55 -31.79 15.54 -36.86
CA SER B 55 -31.57 16.20 -38.13
C SER B 55 -30.49 15.51 -38.97
N ILE B 56 -29.64 14.69 -38.33
CA ILE B 56 -28.49 14.02 -38.98
C ILE B 56 -28.88 12.93 -39.96
N SER B 57 -29.92 12.16 -39.64
CA SER B 57 -30.25 11.01 -40.47
C SER B 57 -31.74 10.74 -40.44
N PRO B 58 -32.22 9.94 -41.40
CA PRO B 58 -33.64 9.60 -41.47
C PRO B 58 -34.12 8.63 -40.41
N ASP B 59 -33.21 8.08 -39.61
CA ASP B 59 -33.57 7.01 -38.67
C ASP B 59 -32.68 7.10 -37.46
N LEU B 60 -33.22 7.71 -36.41
CA LEU B 60 -32.55 7.83 -35.13
C LEU B 60 -33.04 6.75 -34.19
N LYS B 61 -32.10 5.92 -33.72
CA LYS B 61 -32.37 4.88 -32.74
C LYS B 61 -31.55 5.25 -31.51
N ILE B 62 -32.21 5.39 -30.37
CA ILE B 62 -31.59 5.92 -29.18
C ILE B 62 -31.87 5.04 -27.97
N VAL B 63 -30.87 4.87 -27.09
CA VAL B 63 -31.08 4.21 -25.82
C VAL B 63 -30.77 5.20 -24.71
N ARG B 64 -31.32 4.93 -23.53
CA ARG B 64 -31.14 5.79 -22.36
C ARG B 64 -29.76 5.63 -21.76
N GLY B 65 -29.11 6.75 -21.50
CA GLY B 65 -27.86 6.74 -20.76
C GLY B 65 -28.08 7.12 -19.29
N ARG B 66 -27.02 6.99 -18.52
CA ARG B 66 -27.11 7.16 -17.07
C ARG B 66 -27.53 8.57 -16.67
N MET B 67 -27.31 9.55 -17.55
CA MET B 67 -27.65 10.95 -17.24
C MET B 67 -29.00 11.39 -17.84
N ASP B 68 -29.63 10.52 -18.62
CA ASP B 68 -30.91 10.88 -19.25
C ASP B 68 -32.09 10.62 -18.30
N VAL B 69 -32.06 11.29 -17.17
CA VAL B 69 -33.03 11.05 -16.11
C VAL B 69 -34.44 11.61 -16.38
N GLU B 70 -34.58 12.40 -17.44
CA GLU B 70 -35.89 12.91 -17.84
C GLU B 70 -36.45 12.11 -19.01
N ALA B 71 -35.61 11.32 -19.67
CA ALA B 71 -36.00 10.66 -20.91
C ALA B 71 -36.56 9.25 -20.69
N THR B 72 -37.74 9.18 -20.07
CA THR B 72 -38.31 7.91 -19.63
C THR B 72 -38.89 7.02 -20.72
N SER B 73 -39.15 7.56 -21.89
CA SER B 73 -39.69 6.75 -22.95
C SER B 73 -38.57 5.95 -23.65
N LEU B 74 -37.32 6.22 -23.31
CA LEU B 74 -36.20 5.65 -24.07
C LEU B 74 -35.86 4.25 -23.57
N PRO B 75 -35.63 3.32 -24.51
CA PRO B 75 -35.27 1.96 -24.10
C PRO B 75 -33.87 1.87 -23.53
N LEU B 76 -33.60 0.86 -22.72
CA LEU B 76 -32.23 0.66 -22.23
C LEU B 76 -31.31 -0.05 -23.20
N MET B 77 -31.88 -0.78 -24.15
CA MET B 77 -31.08 -1.44 -25.16
C MET B 77 -31.88 -1.42 -26.46
N GLN B 78 -31.18 -1.67 -27.56
CA GLN B 78 -31.82 -1.66 -28.86
C GLN B 78 -31.02 -2.50 -29.85
N VAL B 79 -31.73 -3.18 -30.73
CA VAL B 79 -31.12 -3.95 -31.81
C VAL B 79 -31.59 -3.40 -33.15
N VAL B 80 -30.67 -3.41 -34.11
CA VAL B 80 -30.97 -3.16 -35.52
C VAL B 80 -30.32 -4.27 -36.37
N THR B 81 -30.91 -4.53 -37.53
CA THR B 81 -30.42 -5.56 -38.45
C THR B 81 -30.09 -4.93 -39.77
N HIS B 82 -28.92 -5.29 -40.30
CA HIS B 82 -28.47 -4.82 -41.60
C HIS B 82 -27.90 -5.99 -42.34
N GLY B 83 -28.65 -6.42 -43.36
CA GLY B 83 -28.36 -7.61 -44.14
C GLY B 83 -28.20 -8.80 -43.23
N SER B 84 -27.01 -9.39 -43.22
CA SER B 84 -26.75 -10.60 -42.41
C SER B 84 -26.26 -10.29 -41.00
N LEU B 85 -26.05 -9.01 -40.69
CA LEU B 85 -25.56 -8.64 -39.37
C LEU B 85 -26.63 -8.06 -38.46
N ARG B 86 -26.52 -8.45 -37.20
CA ARG B 86 -27.34 -7.92 -36.15
C ARG B 86 -26.46 -7.11 -35.20
N ILE B 87 -26.91 -5.90 -34.90
CA ILE B 87 -26.15 -4.95 -34.10
C ILE B 87 -26.97 -4.54 -32.90
N GLY B 88 -26.44 -4.73 -31.71
CA GLY B 88 -27.12 -4.29 -30.50
C GLY B 88 -26.37 -3.18 -29.85
N PHE B 89 -27.08 -2.37 -29.06
CA PHE B 89 -26.37 -1.31 -28.34
C PHE B 89 -27.11 -0.93 -27.07
N LEU B 90 -26.34 -0.41 -26.12
CA LEU B 90 -26.83 -0.03 -24.80
C LEU B 90 -25.80 0.93 -24.27
N GLU B 91 -26.12 1.72 -23.26
CA GLU B 91 -25.10 2.65 -22.74
C GLU B 91 -24.07 1.92 -21.91
N GLY B 92 -24.51 1.01 -21.05
CA GLY B 92 -23.61 0.19 -20.26
C GLY B 92 -23.87 0.28 -18.78
N PHE B 93 -24.53 1.33 -18.31
CA PHE B 93 -24.66 1.51 -16.88
C PHE B 93 -25.49 0.44 -16.20
N THR B 94 -26.35 -0.22 -16.96
CA THR B 94 -27.17 -1.26 -16.39
C THR B 94 -26.45 -2.61 -16.27
N LEU B 95 -25.25 -2.71 -16.84
CA LEU B 95 -24.47 -3.92 -16.68
C LEU B 95 -23.64 -3.88 -15.40
N VAL B 96 -23.17 -5.04 -14.96
CA VAL B 96 -22.39 -5.07 -13.72
C VAL B 96 -20.98 -4.57 -13.94
N SER B 97 -20.53 -4.63 -15.19
CA SER B 97 -19.20 -4.18 -15.55
C SER B 97 -19.11 -4.04 -17.05
N GLU B 98 -17.92 -3.73 -17.58
CA GLU B 98 -17.73 -3.81 -19.02
C GLU B 98 -16.64 -4.82 -19.37
N GLU B 99 -16.52 -5.86 -18.55
CA GLU B 99 -15.57 -6.92 -18.85
C GLU B 99 -16.02 -7.73 -20.03
N PRO B 100 -15.09 -8.41 -20.73
CA PRO B 100 -15.49 -9.09 -21.97
C PRO B 100 -16.63 -10.09 -21.79
N ASP B 101 -16.62 -10.90 -20.72
CA ASP B 101 -17.67 -11.90 -20.58
C ASP B 101 -19.03 -11.27 -20.32
N VAL B 102 -19.04 -10.11 -19.66
CA VAL B 102 -20.28 -9.41 -19.35
C VAL B 102 -20.87 -8.77 -20.60
N LEU B 103 -20.03 -8.15 -21.42
CA LEU B 103 -20.47 -7.66 -22.73
C LEU B 103 -20.93 -8.84 -23.60
N LEU B 104 -20.18 -9.93 -23.60
CA LEU B 104 -20.55 -11.07 -24.41
C LEU B 104 -21.88 -11.64 -23.98
N ALA B 105 -22.15 -11.72 -22.69
CA ALA B 105 -23.45 -12.22 -22.23
C ALA B 105 -24.58 -11.39 -22.81
N GLU B 106 -24.41 -10.07 -22.88
CA GLU B 106 -25.45 -9.22 -23.43
C GLU B 106 -25.59 -9.48 -24.93
N ALA B 107 -24.48 -9.62 -25.64
CA ALA B 107 -24.54 -9.89 -27.07
C ALA B 107 -25.25 -11.22 -27.32
N ASN B 108 -24.99 -12.21 -26.48
CA ASN B 108 -25.63 -13.51 -26.68
C ASN B 108 -27.13 -13.47 -26.37
N LYS B 109 -27.54 -12.72 -25.36
CA LYS B 109 -28.97 -12.60 -25.04
C LYS B 109 -29.72 -11.93 -26.17
N LEU B 110 -29.10 -10.91 -26.77
CA LEU B 110 -29.74 -10.13 -27.84
C LEU B 110 -29.60 -10.80 -29.19
N ASP B 111 -28.80 -11.86 -29.26
CA ASP B 111 -28.44 -12.54 -30.51
C ASP B 111 -27.94 -11.54 -31.55
N VAL B 112 -26.90 -10.81 -31.16
CA VAL B 112 -26.27 -9.84 -32.07
C VAL B 112 -24.82 -10.23 -32.30
N ASP B 113 -24.31 -9.85 -33.47
CA ASP B 113 -22.92 -10.10 -33.84
C ASP B 113 -22.01 -8.99 -33.37
N VAL B 114 -22.58 -7.79 -33.27
CA VAL B 114 -21.88 -6.59 -32.91
C VAL B 114 -22.60 -5.97 -31.74
N LEU B 115 -21.88 -5.63 -30.67
CA LEU B 115 -22.46 -4.96 -29.52
C LEU B 115 -21.74 -3.66 -29.28
N CYS B 116 -22.49 -2.57 -29.24
CA CYS B 116 -21.92 -1.26 -28.96
C CYS B 116 -22.30 -0.82 -27.56
N TRP B 117 -21.36 -0.23 -26.85
CA TRP B 117 -21.65 0.36 -25.54
C TRP B 117 -20.88 1.63 -25.38
N ALA B 118 -21.30 2.50 -24.47
CA ALA B 118 -20.61 3.78 -24.30
C ALA B 118 -20.71 4.24 -22.86
N GLY B 119 -19.90 3.63 -22.00
CA GLY B 119 -19.95 3.88 -20.58
C GLY B 119 -19.06 5.01 -20.13
N GLY B 120 -18.76 5.02 -18.84
CA GLY B 120 -18.13 6.15 -18.23
C GLY B 120 -16.68 6.41 -18.55
N SER B 121 -16.04 5.50 -19.25
CA SER B 121 -14.64 5.74 -19.63
C SER B 121 -14.52 6.94 -20.61
N HIS B 122 -15.59 7.18 -21.37
CA HIS B 122 -15.55 8.19 -22.46
C HIS B 122 -14.35 7.98 -23.38
N ARG B 123 -14.15 6.73 -23.77
CA ARG B 123 -12.96 6.35 -24.52
C ARG B 123 -13.35 5.39 -25.65
N PHE B 124 -12.91 5.70 -26.86
CA PHE B 124 -13.12 4.79 -27.96
C PHE B 124 -12.34 3.51 -27.68
N GLU B 125 -12.97 2.38 -27.96
CA GLU B 125 -12.24 1.14 -28.04
C GLU B 125 -13.04 0.14 -28.82
N CYS B 126 -12.36 -0.84 -29.35
CA CYS B 126 -13.07 -1.96 -29.94
C CYS B 126 -12.23 -3.22 -29.77
N PHE B 127 -12.92 -4.35 -29.75
CA PHE B 127 -12.22 -5.62 -29.69
C PHE B 127 -13.10 -6.73 -30.27
N GLU B 128 -12.48 -7.81 -30.67
CA GLU B 128 -13.17 -9.02 -31.10
C GLU B 128 -13.04 -10.06 -30.01
N TYR B 129 -14.09 -10.82 -29.80
CA TYR B 129 -14.11 -11.85 -28.77
C TYR B 129 -15.20 -12.85 -29.13
N MET B 130 -14.86 -14.13 -29.12
CA MET B 130 -15.84 -15.19 -29.33
C MET B 130 -16.62 -14.95 -30.62
N ASP B 131 -15.89 -14.53 -31.63
CA ASP B 131 -16.39 -14.35 -33.01
C ASP B 131 -17.42 -13.23 -33.13
N LYS B 132 -17.47 -12.35 -32.11
CA LYS B 132 -18.32 -11.18 -32.10
C LYS B 132 -17.46 -9.94 -31.98
N PHE B 133 -18.06 -8.78 -32.24
CA PHE B 133 -17.33 -7.51 -32.32
C PHE B 133 -17.96 -6.58 -31.31
N PHE B 134 -17.12 -5.84 -30.59
CA PHE B 134 -17.53 -4.97 -29.49
C PHE B 134 -16.95 -3.57 -29.72
N VAL B 135 -17.82 -2.56 -29.74
CA VAL B 135 -17.46 -1.21 -30.11
C VAL B 135 -17.95 -0.19 -29.08
N ASN B 136 -17.03 0.68 -28.64
CA ASN B 136 -17.37 1.81 -27.77
C ASN B 136 -16.95 3.06 -28.50
N PRO B 137 -17.90 3.93 -28.89
CA PRO B 137 -17.57 5.11 -29.68
C PRO B 137 -16.93 6.26 -28.89
N GLY B 138 -16.85 6.14 -27.57
CA GLY B 138 -16.34 7.22 -26.73
C GLY B 138 -17.33 8.34 -26.67
N SER B 139 -16.83 9.55 -26.49
CA SER B 139 -17.67 10.73 -26.32
C SER B 139 -17.50 11.66 -27.50
N ALA B 140 -18.57 11.98 -28.20
CA ALA B 140 -18.47 12.82 -29.40
C ALA B 140 -18.08 14.27 -29.09
N THR B 141 -18.32 14.69 -27.85
CA THR B 141 -18.00 16.05 -27.41
C THR B 141 -16.69 16.16 -26.65
N GLY B 142 -16.07 15.03 -26.35
CA GLY B 142 -14.90 15.02 -25.50
C GLY B 142 -15.23 15.40 -24.06
N ALA B 143 -16.46 15.11 -23.65
CA ALA B 143 -16.93 15.41 -22.29
C ALA B 143 -16.04 14.79 -21.24
N PHE B 144 -15.74 15.55 -20.20
CA PHE B 144 -14.92 15.00 -19.13
C PHE B 144 -15.62 13.83 -18.47
N THR B 145 -14.83 12.93 -17.89
CA THR B 145 -15.40 11.84 -17.09
C THR B 145 -14.82 11.85 -15.69
N THR B 146 -15.58 11.28 -14.76
CA THR B 146 -15.13 11.09 -13.39
C THR B 146 -14.41 9.75 -13.19
N ASP B 147 -14.47 8.87 -14.18
CA ASP B 147 -13.84 7.55 -14.04
C ASP B 147 -12.31 7.64 -14.04
N VAL B 155 -9.79 13.19 -22.27
CA VAL B 155 -10.82 12.62 -23.17
C VAL B 155 -10.63 13.20 -24.57
N VAL B 156 -10.63 12.31 -25.55
CA VAL B 156 -10.49 12.62 -26.96
C VAL B 156 -11.85 12.53 -27.65
N PRO B 157 -12.37 13.63 -28.23
CA PRO B 157 -13.65 13.50 -28.93
C PRO B 157 -13.63 12.42 -30.00
N SER B 158 -14.67 11.59 -30.05
CA SER B 158 -14.70 10.49 -31.02
C SER B 158 -16.11 10.10 -31.37
N PHE B 159 -16.24 9.54 -32.56
CA PHE B 159 -17.44 8.79 -32.93
C PHE B 159 -17.05 7.79 -34.01
N CYS B 160 -17.98 6.92 -34.36
CA CYS B 160 -17.75 5.88 -35.36
C CYS B 160 -18.79 5.90 -36.45
N LEU B 161 -18.38 5.50 -37.66
CA LEU B 161 -19.31 5.20 -38.75
C LEU B 161 -19.16 3.73 -39.11
N MET B 162 -20.27 3.07 -39.41
CA MET B 162 -20.23 1.67 -39.81
C MET B 162 -20.82 1.50 -41.18
N ASP B 163 -20.20 0.62 -41.96
CA ASP B 163 -20.62 0.27 -43.33
C ASP B 163 -20.73 -1.25 -43.37
N VAL B 164 -21.94 -1.78 -43.60
CA VAL B 164 -22.15 -3.23 -43.62
C VAL B 164 -22.31 -3.75 -45.02
N GLN B 165 -21.61 -4.82 -45.34
CA GLN B 165 -21.87 -5.52 -46.58
C GLN B 165 -21.78 -7.01 -46.37
N GLY B 166 -22.91 -7.69 -46.55
CA GLY B 166 -22.98 -9.11 -46.33
C GLY B 166 -22.71 -9.43 -44.88
N ILE B 167 -21.70 -10.27 -44.67
CA ILE B 167 -21.33 -10.68 -43.34
C ILE B 167 -20.16 -9.85 -42.80
N SER B 168 -19.84 -8.76 -43.49
CA SER B 168 -18.71 -7.90 -43.07
C SER B 168 -19.15 -6.52 -42.64
N LEU B 169 -18.44 -5.97 -41.66
CA LEU B 169 -18.71 -4.64 -41.16
C LEU B 169 -17.39 -3.87 -41.18
N THR B 170 -17.40 -2.67 -41.74
CA THR B 170 -16.24 -1.80 -41.74
C THR B 170 -16.57 -0.64 -40.81
N LEU B 171 -15.70 -0.42 -39.84
CA LEU B 171 -15.82 0.64 -38.85
C LEU B 171 -14.79 1.72 -39.13
N TYR B 172 -15.25 2.95 -39.22
CA TYR B 172 -14.35 4.11 -39.33
C TYR B 172 -14.48 4.86 -38.04
N VAL B 173 -13.35 5.08 -37.38
CA VAL B 173 -13.37 5.83 -36.14
C VAL B 173 -12.74 7.19 -36.40
N TYR B 174 -13.44 8.24 -35.97
CA TYR B 174 -13.00 9.61 -36.12
C TYR B 174 -12.66 10.15 -34.75
N GLN B 175 -11.46 10.71 -34.61
CA GLN B 175 -11.03 11.28 -33.34
C GLN B 175 -10.48 12.67 -33.58
N LEU B 176 -10.70 13.57 -32.64
CA LEU B 176 -10.11 14.89 -32.64
C LEU B 176 -8.93 14.86 -31.68
N ARG B 177 -7.74 14.58 -32.22
CA ARG B 177 -6.53 14.42 -31.44
C ARG B 177 -5.75 15.70 -31.28
N LYS B 178 -5.03 15.81 -30.18
CA LYS B 178 -4.08 16.89 -29.99
C LYS B 178 -2.65 16.41 -30.17
N ASP B 179 -1.83 17.23 -30.82
CA ASP B 179 -0.41 16.94 -30.93
C ASP B 179 0.31 17.49 -29.70
N GLU B 180 1.62 17.33 -29.66
CA GLU B 180 2.45 17.79 -28.55
C GLU B 180 2.17 19.23 -28.11
N ASN B 181 1.75 20.08 -29.05
CA ASN B 181 1.49 21.48 -28.75
C ASN B 181 0.02 21.79 -28.52
N GLY B 182 -0.82 20.75 -28.60
CA GLY B 182 -2.24 20.91 -28.33
C GLY B 182 -3.10 21.26 -29.53
N THR B 183 -2.50 21.36 -30.71
CA THR B 183 -3.25 21.58 -31.96
C THR B 183 -4.22 20.44 -32.22
N GLU B 184 -5.48 20.75 -32.56
CA GLU B 184 -6.49 19.74 -32.89
C GLU B 184 -6.44 19.18 -34.33
N ASN B 185 -6.32 17.86 -34.45
CA ASN B 185 -6.21 17.21 -35.76
C ASN B 185 -7.23 16.08 -35.86
N VAL B 186 -7.99 16.01 -36.97
CA VAL B 186 -8.87 14.86 -37.19
C VAL B 186 -8.05 13.63 -37.63
N ALA B 187 -8.23 12.53 -36.90
CA ALA B 187 -7.55 11.28 -37.23
C ALA B 187 -8.57 10.21 -37.42
N VAL B 188 -8.41 9.47 -38.50
CA VAL B 188 -9.33 8.40 -38.89
C VAL B 188 -8.60 7.06 -38.84
N GLU B 189 -9.30 6.04 -38.34
CA GLU B 189 -8.81 4.65 -38.32
C GLU B 189 -9.94 3.74 -38.83
N LYS B 190 -9.55 2.69 -39.53
CA LYS B 190 -10.47 1.70 -40.06
C LYS B 190 -10.26 0.37 -39.35
N VAL B 191 -11.37 -0.30 -39.05
CA VAL B 191 -11.37 -1.63 -38.45
C VAL B 191 -12.39 -2.47 -39.19
N THR B 192 -12.05 -3.73 -39.49
CA THR B 192 -12.99 -4.61 -40.18
C THR B 192 -13.31 -5.82 -39.33
N TYR B 193 -14.58 -6.22 -39.38
CA TYR B 193 -15.09 -7.41 -38.73
C TYR B 193 -15.82 -8.23 -39.77
N THR B 194 -15.53 -9.53 -39.78
CA THR B 194 -16.22 -10.47 -40.65
C THR B 194 -16.77 -11.60 -39.79
N LYS B 195 -18.07 -11.80 -39.86
CA LYS B 195 -18.70 -12.88 -39.13
C LYS B 195 -18.23 -14.25 -39.64
N PRO B 196 -17.98 -15.20 -38.74
CA PRO B 196 -17.71 -16.54 -39.27
C PRO B 196 -18.97 -17.19 -39.86
N ALA C 4 -39.36 -7.18 -7.24
CA ALA C 4 -38.87 -5.83 -7.06
C ALA C 4 -37.36 -5.80 -7.26
N PHE C 5 -36.82 -4.65 -7.61
CA PHE C 5 -35.37 -4.50 -7.77
C PHE C 5 -34.85 -3.86 -6.49
N LEU C 6 -34.42 -4.68 -5.54
CA LEU C 6 -34.04 -4.14 -4.24
C LEU C 6 -32.57 -3.83 -4.19
N ILE C 7 -32.25 -2.63 -3.68
CA ILE C 7 -30.89 -2.16 -3.52
C ILE C 7 -30.52 -2.17 -2.06
N LEU C 8 -29.54 -3.01 -1.71
CA LEU C 8 -29.00 -3.05 -0.34
C LEU C 8 -27.98 -1.94 -0.15
N VAL C 9 -28.15 -1.18 0.93
CA VAL C 9 -27.20 -0.15 1.33
C VAL C 9 -26.65 -0.57 2.69
N ILE C 10 -25.33 -0.79 2.73
CA ILE C 10 -24.72 -1.48 3.87
C ILE C 10 -23.33 -0.93 4.07
N GLY C 11 -22.87 -0.88 5.31
CA GLY C 11 -21.53 -0.40 5.59
C GLY C 11 -21.08 -0.71 7.00
N ASN C 12 -19.84 -0.27 7.30
CA ASN C 12 -19.28 -0.34 8.64
C ASN C 12 -19.38 -1.76 9.22
N LEU C 13 -18.98 -2.73 8.42
CA LEU C 13 -19.01 -4.11 8.88
C LEU C 13 -17.87 -4.40 9.88
N HIS C 14 -16.68 -3.93 9.55
CA HIS C 14 -15.51 -4.02 10.42
C HIS C 14 -15.27 -5.45 10.92
N ILE C 15 -15.35 -6.40 9.99
CA ILE C 15 -15.02 -7.79 10.26
C ILE C 15 -13.60 -8.03 9.79
N PRO C 16 -12.74 -8.59 10.66
CA PRO C 16 -12.94 -9.18 11.99
C PRO C 16 -12.52 -8.27 13.15
N ASP C 17 -12.07 -7.06 12.87
CA ASP C 17 -11.40 -6.29 13.92
C ASP C 17 -12.37 -5.74 14.98
N ARG C 18 -13.62 -5.48 14.61
CA ARG C 18 -14.59 -4.99 15.60
C ARG C 18 -15.76 -5.94 15.77
N ALA C 19 -16.06 -6.71 14.72
CA ALA C 19 -17.14 -7.71 14.77
C ALA C 19 -16.68 -8.99 14.11
N LEU C 20 -17.27 -10.12 14.48
CA LEU C 20 -16.83 -11.37 13.90
C LEU C 20 -17.73 -11.83 12.76
N ASP C 21 -18.97 -11.38 12.75
CA ASP C 21 -19.86 -11.78 11.68
C ASP C 21 -21.08 -10.86 11.60
N ILE C 22 -21.80 -10.99 10.50
CA ILE C 22 -23.08 -10.35 10.37
C ILE C 22 -24.05 -11.15 11.24
N PRO C 23 -24.92 -10.45 12.01
CA PRO C 23 -25.86 -11.14 12.89
C PRO C 23 -26.69 -12.18 12.13
N PRO C 24 -26.83 -13.38 12.71
CA PRO C 24 -27.64 -14.44 12.08
C PRO C 24 -29.01 -13.95 11.57
N LYS C 25 -29.72 -13.13 12.34
CA LYS C 25 -31.05 -12.69 11.88
C LYS C 25 -30.98 -11.80 10.65
N PHE C 26 -29.87 -11.10 10.49
CA PHE C 26 -29.67 -10.32 9.28
C PHE C 26 -29.24 -11.19 8.10
N LYS C 27 -28.43 -12.21 8.35
CA LYS C 27 -27.99 -13.08 7.26
C LYS C 27 -29.20 -13.74 6.61
N LYS C 28 -30.17 -14.11 7.43
CA LYS C 28 -31.41 -14.70 6.95
C LYS C 28 -32.15 -13.71 6.03
N LEU C 29 -32.15 -12.44 6.40
CA LEU C 29 -32.84 -11.41 5.63
C LEU C 29 -32.18 -11.15 4.28
N LEU C 30 -30.87 -11.35 4.23
CA LEU C 30 -30.12 -11.05 3.03
C LEU C 30 -29.68 -12.32 2.35
N SER C 31 -30.45 -13.39 2.50
CA SER C 31 -30.08 -14.64 1.87
C SER C 31 -30.18 -14.45 0.36
N PRO C 32 -29.45 -15.29 -0.41
CA PRO C 32 -29.46 -15.16 -1.87
C PRO C 32 -30.85 -15.12 -2.49
N GLY C 33 -30.97 -14.39 -3.60
CA GLY C 33 -32.19 -14.35 -4.39
C GLY C 33 -33.13 -13.21 -4.03
N LYS C 34 -32.71 -12.37 -3.09
CA LYS C 34 -33.57 -11.30 -2.59
C LYS C 34 -33.15 -9.93 -3.12
N ILE C 35 -31.86 -9.71 -3.15
CA ILE C 35 -31.31 -8.39 -3.47
C ILE C 35 -30.77 -8.35 -4.89
N SER C 36 -30.98 -7.22 -5.57
CA SER C 36 -30.53 -7.10 -6.97
C SER C 36 -29.24 -6.31 -7.12
N GLN C 37 -28.97 -5.36 -6.21
CA GLN C 37 -27.73 -4.59 -6.24
C GLN C 37 -27.37 -4.23 -4.81
N THR C 38 -26.06 -4.23 -4.54
CA THR C 38 -25.53 -3.84 -3.24
C THR C 38 -24.60 -2.66 -3.39
N LEU C 39 -24.90 -1.60 -2.65
CA LEU C 39 -24.01 -0.45 -2.45
C LEU C 39 -23.35 -0.61 -1.09
N CYS C 40 -22.08 -0.99 -1.09
CA CYS C 40 -21.33 -1.22 0.14
C CYS C 40 -20.45 0.00 0.38
N LEU C 41 -20.66 0.63 1.52
CA LEU C 41 -20.03 1.91 1.83
C LEU C 41 -18.75 1.73 2.64
N GLY C 42 -18.12 0.59 2.44
CA GLY C 42 -16.77 0.34 2.92
C GLY C 42 -16.68 -0.28 4.28
N ASN C 43 -15.44 -0.51 4.68
CA ASN C 43 -15.07 -1.10 5.97
C ASN C 43 -15.53 -2.53 6.09
N LEU C 44 -14.95 -3.37 5.24
CA LEU C 44 -15.39 -4.77 5.16
C LEU C 44 -14.94 -5.58 6.40
N THR C 45 -13.66 -5.73 6.73
CA THR C 45 -12.51 -5.33 5.93
C THR C 45 -11.85 -6.52 5.23
N ASP C 46 -12.18 -7.75 5.62
CA ASP C 46 -11.41 -8.90 5.16
C ASP C 46 -12.04 -9.58 3.93
N ARG C 47 -11.29 -10.51 3.38
CA ARG C 47 -11.66 -11.15 2.13
C ARG C 47 -12.91 -12.00 2.33
N ALA C 48 -13.06 -12.61 3.50
CA ALA C 48 -14.25 -13.43 3.75
C ALA C 48 -15.50 -12.58 3.65
N THR C 49 -15.42 -11.33 4.10
CA THR C 49 -16.58 -10.46 4.11
C THR C 49 -16.89 -9.99 2.69
N TYR C 50 -15.85 -9.74 1.91
CA TYR C 50 -16.02 -9.44 0.50
C TYR C 50 -16.77 -10.60 -0.20
N ASP C 51 -16.34 -11.82 0.07
CA ASP C 51 -16.93 -12.99 -0.58
C ASP C 51 -18.38 -13.14 -0.15
N TYR C 52 -18.66 -12.87 1.12
CA TYR C 52 -20.03 -12.93 1.59
C TYR C 52 -20.88 -11.89 0.85
N LEU C 53 -20.38 -10.67 0.74
CA LEU C 53 -21.15 -9.65 0.05
C LEU C 53 -21.39 -10.00 -1.41
N ARG C 54 -20.39 -10.59 -2.08
CA ARG C 54 -20.58 -11.03 -3.46
C ARG C 54 -21.68 -12.07 -3.59
N SER C 55 -21.84 -12.90 -2.56
CA SER C 55 -22.84 -13.97 -2.61
C SER C 55 -24.28 -13.44 -2.48
N ILE C 56 -24.45 -12.26 -1.89
CA ILE C 56 -25.77 -11.65 -1.64
C ILE C 56 -26.46 -11.21 -2.90
N SER C 57 -25.70 -10.69 -3.84
CA SER C 57 -26.33 -10.13 -5.02
C SER C 57 -25.38 -10.08 -6.22
N PRO C 58 -25.97 -10.11 -7.42
CA PRO C 58 -25.17 -10.20 -8.64
C PRO C 58 -24.38 -8.93 -8.96
N ASP C 59 -24.63 -7.82 -8.28
CA ASP C 59 -24.06 -6.53 -8.65
C ASP C 59 -23.62 -5.83 -7.37
N LEU C 60 -22.34 -5.96 -7.07
CA LEU C 60 -21.75 -5.41 -5.85
C LEU C 60 -20.90 -4.20 -6.19
N LYS C 61 -21.26 -3.03 -5.63
CA LYS C 61 -20.49 -1.82 -5.83
C LYS C 61 -19.95 -1.39 -4.46
N ILE C 62 -18.65 -1.14 -4.39
CA ILE C 62 -18.00 -0.85 -3.13
C ILE C 62 -17.23 0.47 -3.21
N VAL C 63 -17.34 1.30 -2.17
CA VAL C 63 -16.48 2.45 -2.03
C VAL C 63 -15.56 2.24 -0.85
N ARG C 64 -14.44 2.97 -0.84
CA ARG C 64 -13.39 2.75 0.14
C ARG C 64 -13.76 3.32 1.50
N GLY C 65 -13.62 2.51 2.55
CA GLY C 65 -13.82 2.97 3.90
C GLY C 65 -12.52 3.29 4.59
N ARG C 66 -12.61 4.04 5.68
CA ARG C 66 -11.41 4.50 6.40
C ARG C 66 -10.55 3.35 6.94
N MET C 67 -11.12 2.18 7.20
CA MET C 67 -10.34 1.05 7.69
C MET C 67 -9.92 0.04 6.63
N ASP C 68 -10.38 0.19 5.38
CA ASP C 68 -10.07 -0.84 4.39
C ASP C 68 -8.59 -0.86 4.04
N VAL C 69 -8.12 -2.07 3.78
CA VAL C 69 -6.71 -2.38 3.57
C VAL C 69 -6.50 -2.91 2.16
N GLU C 70 -5.36 -2.55 1.57
CA GLU C 70 -5.05 -2.94 0.19
C GLU C 70 -6.24 -2.62 -0.71
N ALA C 71 -6.71 -1.37 -0.60
CA ALA C 71 -7.97 -0.93 -1.17
C ALA C 71 -7.78 0.21 -2.16
N THR C 72 -6.63 0.30 -2.81
CA THR C 72 -6.44 1.36 -3.80
C THR C 72 -7.34 1.20 -5.03
N SER C 73 -7.88 0.00 -5.25
CA SER C 73 -8.79 -0.21 -6.38
C SER C 73 -10.23 0.15 -6.03
N LEU C 74 -10.55 0.42 -4.76
CA LEU C 74 -11.87 0.88 -4.37
C LEU C 74 -11.95 2.38 -4.50
N PRO C 75 -12.90 2.88 -5.28
CA PRO C 75 -13.02 4.33 -5.41
C PRO C 75 -13.54 4.98 -4.14
N LEU C 76 -13.27 6.27 -3.95
CA LEU C 76 -13.77 6.96 -2.78
C LEU C 76 -15.26 7.24 -2.88
N MET C 77 -15.77 7.38 -4.10
CA MET C 77 -17.19 7.62 -4.32
C MET C 77 -17.63 6.92 -5.60
N GLN C 78 -18.93 6.69 -5.71
CA GLN C 78 -19.56 6.19 -6.94
C GLN C 78 -20.95 6.81 -7.04
N VAL C 79 -21.46 6.81 -8.27
CA VAL C 79 -22.83 7.23 -8.52
C VAL C 79 -23.50 6.17 -9.38
N VAL C 80 -24.76 5.84 -9.06
CA VAL C 80 -25.58 4.99 -9.89
C VAL C 80 -26.86 5.70 -10.28
N THR C 81 -27.45 5.23 -11.37
CA THR C 81 -28.77 5.69 -11.79
C THR C 81 -29.80 4.59 -11.64
N HIS C 82 -30.91 4.93 -10.95
CA HIS C 82 -32.09 4.07 -10.90
C HIS C 82 -33.31 4.91 -11.15
N GLY C 83 -34.18 4.43 -12.01
CA GLY C 83 -35.31 5.21 -12.44
C GLY C 83 -34.86 6.56 -12.97
N SER C 84 -35.44 7.61 -12.39
CA SER C 84 -35.08 8.97 -12.75
C SER C 84 -34.19 9.62 -11.72
N LEU C 85 -33.61 8.82 -10.84
CA LEU C 85 -32.78 9.36 -9.74
C LEU C 85 -31.32 9.04 -9.94
N ARG C 86 -30.47 9.97 -9.54
CA ARG C 86 -29.03 9.72 -9.41
C ARG C 86 -28.69 9.56 -7.93
N ILE C 87 -28.01 8.45 -7.58
CA ILE C 87 -27.71 8.10 -6.19
C ILE C 87 -26.20 8.01 -6.03
N GLY C 88 -25.65 8.87 -5.18
CA GLY C 88 -24.22 8.90 -4.96
C GLY C 88 -23.94 8.27 -3.62
N PHE C 89 -22.73 7.72 -3.48
CA PHE C 89 -22.36 7.14 -2.20
C PHE C 89 -20.85 7.19 -1.99
N LEU C 90 -20.49 7.35 -0.72
CA LEU C 90 -19.11 7.43 -0.25
C LEU C 90 -19.14 7.03 1.23
N GLU C 91 -18.00 6.69 1.82
CA GLU C 91 -18.01 6.33 3.23
C GLU C 91 -18.20 7.58 4.11
N GLY C 92 -17.47 8.65 3.81
CA GLY C 92 -17.59 9.91 4.52
C GLY C 92 -16.31 10.43 5.15
N PHE C 93 -15.32 9.54 5.35
CA PHE C 93 -14.12 9.97 6.07
C PHE C 93 -13.33 11.02 5.31
N THR C 94 -13.57 11.19 4.02
CA THR C 94 -12.86 12.21 3.26
C THR C 94 -13.59 13.57 3.22
N LEU C 95 -14.73 13.67 3.88
CA LEU C 95 -15.43 14.94 4.08
C LEU C 95 -14.98 15.58 5.38
N VAL C 96 -15.23 16.88 5.55
CA VAL C 96 -14.81 17.55 6.78
C VAL C 96 -15.76 17.26 7.94
N SER C 97 -16.97 16.86 7.63
CA SER C 97 -17.98 16.57 8.65
C SER C 97 -19.13 15.84 8.00
N GLU C 98 -20.20 15.62 8.77
CA GLU C 98 -21.43 15.11 8.19
C GLU C 98 -22.57 16.06 8.50
N GLU C 99 -22.23 17.34 8.66
CA GLU C 99 -23.23 18.37 8.84
CA GLU C 99 -23.21 18.39 8.83
C GLU C 99 -24.02 18.56 7.55
N PRO C 100 -25.26 19.05 7.67
CA PRO C 100 -26.09 19.12 6.46
C PRO C 100 -25.48 19.84 5.26
N ASP C 101 -24.84 21.01 5.46
CA ASP C 101 -24.32 21.71 4.30
C ASP C 101 -23.12 21.01 3.68
N VAL C 102 -22.39 20.24 4.48
CA VAL C 102 -21.24 19.53 3.97
C VAL C 102 -21.69 18.32 3.14
N LEU C 103 -22.69 17.57 3.62
CA LEU C 103 -23.26 16.51 2.83
C LEU C 103 -23.90 17.07 1.55
N LEU C 104 -24.60 18.19 1.68
CA LEU C 104 -25.22 18.81 0.51
C LEU C 104 -24.15 19.21 -0.51
N ALA C 105 -23.06 19.79 -0.04
CA ALA C 105 -21.98 20.19 -0.94
C ALA C 105 -21.47 18.98 -1.71
N GLU C 106 -21.35 17.83 -1.04
CA GLU C 106 -20.92 16.63 -1.72
C GLU C 106 -21.96 16.14 -2.70
N ALA C 107 -23.24 16.17 -2.33
CA ALA C 107 -24.29 15.79 -3.25
C ALA C 107 -24.32 16.71 -4.48
N ASN C 108 -24.06 17.99 -4.31
CA ASN C 108 -24.00 18.91 -5.44
C ASN C 108 -22.77 18.67 -6.32
N LYS C 109 -21.66 18.31 -5.70
CA LYS C 109 -20.43 17.98 -6.43
C LYS C 109 -20.62 16.76 -7.33
N LEU C 110 -21.28 15.74 -6.77
CA LEU C 110 -21.59 14.52 -7.50
C LEU C 110 -22.82 14.65 -8.39
N ASP C 111 -23.60 15.74 -8.19
CA ASP C 111 -24.82 16.01 -8.93
C ASP C 111 -25.83 14.84 -8.78
N VAL C 112 -26.19 14.55 -7.54
CA VAL C 112 -27.10 13.44 -7.22
C VAL C 112 -28.30 13.93 -6.43
N ASP C 113 -29.39 13.19 -6.55
CA ASP C 113 -30.60 13.44 -5.76
C ASP C 113 -30.51 12.85 -4.39
N VAL C 114 -29.80 11.73 -4.29
CA VAL C 114 -29.67 10.93 -3.07
C VAL C 114 -28.20 10.71 -2.79
N LEU C 115 -27.80 10.95 -1.54
CA LEU C 115 -26.42 10.72 -1.13
C LEU C 115 -26.45 9.78 0.06
N CYS C 116 -25.72 8.68 -0.07
CA CYS C 116 -25.55 7.71 1.01
C CYS C 116 -24.14 7.84 1.56
N TRP C 117 -24.01 7.86 2.89
CA TRP C 117 -22.71 7.84 3.52
C TRP C 117 -22.78 6.95 4.76
N ALA C 118 -21.64 6.50 5.25
CA ALA C 118 -21.64 5.60 6.40
C ALA C 118 -20.44 5.90 7.24
N GLY C 119 -20.57 6.97 7.99
CA GLY C 119 -19.46 7.50 8.76
C GLY C 119 -19.24 6.78 10.09
N GLY C 120 -18.29 7.28 10.87
CA GLY C 120 -17.74 6.50 11.95
C GLY C 120 -18.56 6.41 13.22
N SER C 121 -19.66 7.13 13.26
CA SER C 121 -20.56 7.09 14.41
CA SER C 121 -20.51 7.07 14.43
C SER C 121 -21.43 5.82 14.41
N HIS C 122 -21.50 5.16 13.26
CA HIS C 122 -22.23 3.89 13.09
C HIS C 122 -23.69 4.03 13.52
N ARG C 123 -24.30 5.12 13.09
CA ARG C 123 -25.70 5.38 13.43
C ARG C 123 -26.51 5.52 12.16
N PHE C 124 -27.63 4.79 12.09
CA PHE C 124 -28.58 4.98 11.00
C PHE C 124 -29.15 6.38 11.05
N GLU C 125 -29.22 7.00 9.90
CA GLU C 125 -29.84 8.30 9.78
C GLU C 125 -30.42 8.51 8.41
N CYS C 126 -31.52 9.22 8.33
CA CYS C 126 -32.12 9.55 7.08
CA CYS C 126 -32.14 9.56 7.06
C CYS C 126 -32.75 10.95 7.20
N PHE C 127 -32.51 11.84 6.23
CA PHE C 127 -33.20 13.14 6.24
C PHE C 127 -33.26 13.72 4.85
N GLU C 128 -34.21 14.62 4.66
CA GLU C 128 -34.35 15.37 3.40
C GLU C 128 -33.88 16.80 3.64
N TYR C 129 -33.17 17.37 2.68
CA TYR C 129 -32.64 18.71 2.79
C TYR C 129 -32.38 19.25 1.40
N MET C 130 -32.88 20.46 1.13
CA MET C 130 -32.64 21.14 -0.14
C MET C 130 -32.99 20.25 -1.33
N ASP C 131 -34.14 19.58 -1.20
CA ASP C 131 -34.73 18.78 -2.28
C ASP C 131 -33.97 17.49 -2.54
N LYS C 132 -33.02 17.13 -1.67
CA LYS C 132 -32.24 15.93 -1.80
C LYS C 132 -32.45 15.03 -0.60
N PHE C 133 -32.04 13.77 -0.74
CA PHE C 133 -32.23 12.75 0.29
C PHE C 133 -30.90 12.19 0.75
N PHE C 134 -30.76 12.06 2.06
CA PHE C 134 -29.48 11.67 2.66
C PHE C 134 -29.68 10.44 3.53
N VAL C 135 -28.88 9.41 3.29
CA VAL C 135 -29.08 8.09 3.87
C VAL C 135 -27.79 7.57 4.49
N ASN C 136 -27.83 7.21 5.76
CA ASN C 136 -26.70 6.51 6.40
C ASN C 136 -27.22 5.20 6.97
N PRO C 137 -26.75 4.06 6.46
CA PRO C 137 -27.29 2.76 6.87
C PRO C 137 -26.83 2.26 8.22
N GLY C 138 -25.91 2.98 8.87
CA GLY C 138 -25.35 2.49 10.11
C GLY C 138 -24.39 1.33 9.84
N SER C 139 -24.20 0.52 10.87
CA SER C 139 -23.31 -0.64 10.81
C SER C 139 -24.10 -1.94 10.81
N ALA C 140 -23.93 -2.78 9.80
CA ALA C 140 -24.73 -4.01 9.74
C ALA C 140 -24.37 -5.04 10.80
N THR C 141 -23.17 -4.87 11.38
CA THR C 141 -22.70 -5.78 12.41
C THR C 141 -22.83 -5.23 13.81
N GLY C 142 -23.26 -3.98 13.94
CA GLY C 142 -23.26 -3.32 15.25
C GLY C 142 -21.87 -3.08 15.79
N ALA C 143 -20.92 -2.92 14.88
CA ALA C 143 -19.52 -2.69 15.23
C ALA C 143 -19.36 -1.49 16.13
N PHE C 144 -18.46 -1.57 17.11
CA PHE C 144 -18.27 -0.42 18.00
C PHE C 144 -17.71 0.77 17.22
N THR C 145 -18.04 1.95 17.73
CA THR C 145 -17.49 3.21 17.22
C THR C 145 -16.32 3.60 18.10
N THR C 146 -15.37 4.34 17.53
CA THR C 146 -14.34 4.94 18.32
C THR C 146 -14.74 6.30 18.92
N ASP C 147 -15.95 6.80 18.63
CA ASP C 147 -16.48 7.95 19.38
C ASP C 147 -16.46 7.63 20.88
N TRP C 148 -16.07 8.60 21.71
CA TRP C 148 -15.91 8.36 23.14
C TRP C 148 -16.14 9.55 24.08
N LEU C 149 -16.04 10.78 23.58
CA LEU C 149 -16.01 11.92 24.50
C LEU C 149 -17.32 12.14 25.25
N ALA C 150 -18.43 11.69 24.68
CA ALA C 150 -19.73 11.85 25.31
C ALA C 150 -20.35 10.50 25.68
N GLU C 151 -21.40 10.55 26.48
CA GLU C 151 -22.13 9.36 26.88
C GLU C 151 -22.91 8.86 25.67
N GLY C 152 -22.47 7.75 25.09
CA GLY C 152 -23.07 7.26 23.86
C GLY C 152 -23.74 5.89 23.98
N GLU C 153 -24.87 5.72 23.30
CA GLU C 153 -25.61 4.46 23.28
C GLU C 153 -24.85 3.38 22.55
N GLU C 154 -25.13 2.12 22.88
CA GLU C 154 -24.57 1.01 22.14
C GLU C 154 -25.03 1.13 20.70
N VAL C 155 -24.17 0.67 19.79
CA VAL C 155 -24.49 0.62 18.39
C VAL C 155 -25.59 -0.43 18.10
N VAL C 156 -26.56 -0.02 17.31
CA VAL C 156 -27.68 -0.85 16.87
C VAL C 156 -27.43 -1.36 15.46
N PRO C 157 -27.32 -2.69 15.28
CA PRO C 157 -27.08 -3.16 13.91
C PRO C 157 -28.18 -2.73 12.95
N SER C 158 -27.80 -2.28 11.77
CA SER C 158 -28.78 -1.91 10.76
C SER C 158 -28.25 -1.97 9.37
N PHE C 159 -29.18 -2.03 8.42
CA PHE C 159 -28.91 -1.85 7.01
C PHE C 159 -30.20 -1.32 6.38
N CYS C 160 -30.12 -0.91 5.12
CA CYS C 160 -31.30 -0.39 4.41
C CYS C 160 -31.49 -1.10 3.08
N LEU C 161 -32.76 -1.22 2.68
CA LEU C 161 -33.12 -1.64 1.33
C LEU C 161 -33.84 -0.47 0.65
N MET C 162 -33.52 -0.24 -0.60
CA MET C 162 -34.15 0.82 -1.38
C MET C 162 -34.84 0.26 -2.63
N ASP C 163 -36.00 0.83 -2.93
CA ASP C 163 -36.79 0.48 -4.12
C ASP C 163 -37.09 1.80 -4.83
N VAL C 164 -36.57 1.99 -6.03
CA VAL C 164 -36.85 3.18 -6.81
C VAL C 164 -37.87 2.97 -7.90
N GLN C 165 -38.83 3.88 -7.98
CA GLN C 165 -39.83 3.91 -9.03
C GLN C 165 -39.89 5.32 -9.58
N GLY C 166 -39.32 5.54 -10.76
CA GLY C 166 -39.34 6.85 -11.39
C GLY C 166 -38.60 7.86 -10.54
N ILE C 167 -39.32 8.89 -10.08
CA ILE C 167 -38.73 9.91 -9.24
C ILE C 167 -38.93 9.66 -7.75
N SER C 168 -39.45 8.49 -7.41
CA SER C 168 -39.73 8.16 -6.00
C SER C 168 -38.86 7.02 -5.53
N LEU C 169 -38.47 7.10 -4.26
CA LEU C 169 -37.65 6.11 -3.61
C LEU C 169 -38.36 5.73 -2.31
N THR C 170 -38.41 4.42 -2.05
CA THR C 170 -38.88 3.90 -0.78
C THR C 170 -37.70 3.22 -0.13
N LEU C 171 -37.42 3.64 1.10
CA LEU C 171 -36.33 3.09 1.87
C LEU C 171 -36.89 2.29 3.04
N TYR C 172 -36.38 1.07 3.22
CA TYR C 172 -36.73 0.25 4.37
C TYR C 172 -35.51 0.09 5.22
N VAL C 173 -35.61 0.45 6.50
CA VAL C 173 -34.48 0.27 7.40
C VAL C 173 -34.77 -0.90 8.31
N TYR C 174 -33.79 -1.79 8.42
CA TYR C 174 -33.86 -2.99 9.26
C TYR C 174 -32.92 -2.80 10.43
N GLN C 175 -33.44 -2.88 11.64
CA GLN C 175 -32.63 -2.74 12.84
C GLN C 175 -32.80 -3.88 13.80
N LEU C 176 -31.72 -4.28 14.44
CA LEU C 176 -31.77 -5.34 15.45
C LEU C 176 -31.76 -4.63 16.80
N ARG C 177 -32.93 -4.48 17.39
CA ARG C 177 -33.05 -3.75 18.65
C ARG C 177 -33.03 -4.70 19.83
N LYS C 178 -32.27 -4.33 20.87
CA LYS C 178 -32.18 -5.11 22.10
C LYS C 178 -33.09 -4.53 23.18
N THR C 183 -34.17 -8.59 25.34
CA THR C 183 -34.32 -9.45 24.17
C THR C 183 -34.08 -8.66 22.89
N GLU C 184 -33.59 -9.36 21.86
CA GLU C 184 -33.34 -8.73 20.56
C GLU C 184 -34.45 -9.02 19.56
N ASN C 185 -34.82 -8.02 18.77
CA ASN C 185 -35.78 -8.26 17.72
C ASN C 185 -35.58 -7.33 16.54
N VAL C 186 -36.04 -7.78 15.39
CA VAL C 186 -35.96 -7.02 14.16
C VAL C 186 -37.12 -6.03 14.05
N ALA C 187 -36.76 -4.76 13.87
CA ALA C 187 -37.72 -3.69 13.69
C ALA C 187 -37.48 -3.06 12.36
N VAL C 188 -38.54 -2.83 11.60
CA VAL C 188 -38.46 -2.26 10.27
C VAL C 188 -39.19 -0.92 10.23
N GLU C 189 -38.62 0.06 9.54
CA GLU C 189 -39.28 1.33 9.31
C GLU C 189 -39.17 1.69 7.83
N LYS C 190 -40.10 2.51 7.38
CA LYS C 190 -40.12 2.94 5.99
C LYS C 190 -39.98 4.46 5.93
N VAL C 191 -39.19 4.93 4.97
CA VAL C 191 -39.04 6.34 4.69
C VAL C 191 -39.29 6.52 3.18
N THR C 192 -39.95 7.59 2.80
CA THR C 192 -40.17 7.85 1.38
C THR C 192 -39.54 9.19 0.96
N TYR C 193 -39.09 9.22 -0.28
CA TYR C 193 -38.55 10.43 -0.89
C TYR C 193 -39.05 10.54 -2.31
N THR C 194 -39.52 11.72 -2.68
CA THR C 194 -39.89 12.02 -4.06
C THR C 194 -39.16 13.28 -4.53
N LYS C 195 -38.44 13.17 -5.63
CA LYS C 195 -37.71 14.30 -6.22
C LYS C 195 -38.70 15.40 -6.58
N PRO C 196 -38.48 16.62 -6.09
CA PRO C 196 -39.36 17.74 -6.48
C PRO C 196 -39.33 18.03 -7.96
N ALA D 4 -3.21 -25.98 13.51
CA ALA D 4 -1.82 -26.03 13.95
C ALA D 4 -0.90 -26.51 12.83
N PHE D 5 -0.76 -25.66 11.81
CA PHE D 5 0.11 -25.90 10.66
C PHE D 5 1.52 -25.42 11.01
N LEU D 6 2.40 -26.32 11.43
CA LEU D 6 3.75 -25.94 11.83
C LEU D 6 4.72 -26.06 10.68
N ILE D 7 5.57 -25.04 10.56
CA ILE D 7 6.58 -24.92 9.52
C ILE D 7 7.96 -25.02 10.15
N LEU D 8 8.71 -26.03 9.75
CA LEU D 8 10.10 -26.17 10.17
C LEU D 8 10.98 -25.30 9.30
N VAL D 9 11.85 -24.53 9.95
CA VAL D 9 12.88 -23.75 9.26
C VAL D 9 14.23 -24.32 9.71
N ILE D 10 14.96 -24.87 8.75
CA ILE D 10 16.17 -25.64 9.04
C ILE D 10 17.23 -25.46 7.94
N GLY D 11 18.50 -25.55 8.29
CA GLY D 11 19.54 -25.43 7.30
C GLY D 11 20.91 -25.70 7.86
N ASN D 12 21.91 -25.61 6.98
CA ASN D 12 23.31 -25.78 7.32
C ASN D 12 23.57 -27.05 8.12
N LEU D 13 23.06 -28.15 7.60
CA LEU D 13 23.31 -29.45 8.21
C LEU D 13 24.75 -29.90 7.93
N HIS D 14 25.19 -29.73 6.70
CA HIS D 14 26.58 -30.04 6.31
C HIS D 14 26.97 -31.44 6.70
N ILE D 15 26.05 -32.35 6.42
CA ILE D 15 26.29 -33.77 6.55
C ILE D 15 26.73 -34.33 5.19
N PRO D 16 27.82 -35.12 5.14
CA PRO D 16 28.68 -35.64 6.21
C PRO D 16 29.96 -34.86 6.45
N ASP D 17 30.20 -33.78 5.72
CA ASP D 17 31.57 -33.25 5.72
C ASP D 17 31.89 -32.45 6.99
N ARG D 18 30.88 -31.94 7.70
CA ARG D 18 31.10 -31.25 8.98
C ARG D 18 30.43 -31.92 10.17
N ALA D 19 29.34 -32.63 9.92
CA ALA D 19 28.61 -33.33 10.97
C ALA D 19 28.14 -34.65 10.40
N LEU D 20 27.98 -35.67 11.25
CA LEU D 20 27.57 -36.98 10.74
C LEU D 20 26.06 -37.20 10.85
N ASP D 21 25.40 -36.42 11.69
CA ASP D 21 23.98 -36.62 11.92
C ASP D 21 23.40 -35.42 12.65
N ILE D 22 22.07 -35.36 12.69
CA ILE D 22 21.37 -34.39 13.52
C ILE D 22 21.57 -34.88 14.96
N PRO D 23 21.76 -33.97 15.92
CA PRO D 23 21.93 -34.37 17.32
C PRO D 23 20.84 -35.31 17.79
N PRO D 24 21.19 -36.39 18.49
CA PRO D 24 20.11 -37.27 18.97
C PRO D 24 19.04 -36.51 19.74
N LYS D 25 19.43 -35.56 20.58
CA LYS D 25 18.44 -34.81 21.36
C LYS D 25 17.52 -33.94 20.51
N PHE D 26 17.90 -33.67 19.26
CA PHE D 26 17.04 -32.95 18.32
C PHE D 26 16.16 -33.89 17.50
N LYS D 27 16.65 -35.11 17.24
CA LYS D 27 15.88 -36.03 16.40
C LYS D 27 14.46 -36.21 16.93
N LYS D 28 14.31 -36.25 18.24
CA LYS D 28 13.00 -36.52 18.84
C LYS D 28 12.03 -35.38 18.58
N LEU D 29 12.57 -34.21 18.28
CA LEU D 29 11.76 -33.00 18.09
C LEU D 29 11.17 -32.96 16.69
N LEU D 30 11.79 -33.68 15.77
CA LEU D 30 11.48 -33.62 14.34
C LEU D 30 10.80 -34.91 13.85
N SER D 31 10.23 -35.67 14.77
CA SER D 31 9.62 -36.95 14.42
C SER D 31 8.37 -36.70 13.58
N PRO D 32 8.12 -37.55 12.57
CA PRO D 32 6.97 -37.31 11.68
C PRO D 32 5.63 -37.19 12.44
N GLY D 33 4.68 -36.48 11.84
CA GLY D 33 3.37 -36.30 12.44
C GLY D 33 3.13 -34.91 13.01
N LYS D 34 4.20 -34.15 13.21
CA LYS D 34 4.11 -32.83 13.84
C LYS D 34 4.12 -31.72 12.79
N ILE D 35 5.11 -31.79 11.91
CA ILE D 35 5.43 -30.70 10.97
C ILE D 35 4.61 -30.83 9.68
N SER D 36 4.07 -29.70 9.19
CA SER D 36 3.27 -29.69 7.97
C SER D 36 4.04 -29.23 6.73
N GLN D 37 5.05 -28.42 6.93
CA GLN D 37 5.87 -27.96 5.83
C GLN D 37 7.27 -27.73 6.35
N THR D 38 8.26 -28.08 5.53
CA THR D 38 9.66 -27.86 5.86
C THR D 38 10.27 -26.90 4.87
N LEU D 39 10.92 -25.86 5.40
CA LEU D 39 11.74 -24.94 4.60
C LEU D 39 13.20 -25.28 4.89
N CYS D 40 13.90 -25.82 3.89
CA CYS D 40 15.30 -26.16 4.02
C CYS D 40 16.13 -25.11 3.29
N LEU D 41 17.01 -24.45 4.03
CA LEU D 41 17.75 -23.29 3.54
C LEU D 41 19.12 -23.60 2.98
N GLY D 42 19.43 -24.89 2.84
CA GLY D 42 20.58 -25.30 2.06
C GLY D 42 21.68 -25.96 2.83
N ASN D 43 22.59 -26.55 2.07
CA ASN D 43 23.78 -27.23 2.54
C ASN D 43 23.41 -28.52 3.28
N LEU D 44 22.97 -29.50 2.51
CA LEU D 44 22.50 -30.74 3.10
C LEU D 44 23.62 -31.61 3.72
N THR D 45 24.63 -32.09 2.98
CA THR D 45 24.79 -31.97 1.53
C THR D 45 24.46 -33.26 0.80
N ASP D 46 24.36 -34.39 1.51
CA ASP D 46 24.27 -35.65 0.80
C ASP D 46 22.83 -36.10 0.62
N ARG D 47 22.68 -37.19 -0.10
CA ARG D 47 21.37 -37.72 -0.44
C ARG D 47 20.58 -38.22 0.76
N ALA D 48 21.25 -38.88 1.69
CA ALA D 48 20.57 -39.41 2.87
C ALA D 48 19.94 -38.26 3.67
N THR D 49 20.61 -37.11 3.68
CA THR D 49 20.10 -35.98 4.45
C THR D 49 18.87 -35.40 3.75
N TYR D 50 18.91 -35.35 2.42
CA TYR D 50 17.74 -34.93 1.64
C TYR D 50 16.55 -35.84 1.90
N ASP D 51 16.79 -37.15 1.82
CA ASP D 51 15.71 -38.11 2.04
C ASP D 51 15.18 -38.00 3.47
N TYR D 52 16.05 -37.71 4.44
CA TYR D 52 15.57 -37.50 5.81
C TYR D 52 14.65 -36.28 5.93
N LEU D 53 15.05 -35.15 5.37
CA LEU D 53 14.22 -33.95 5.42
C LEU D 53 12.89 -34.18 4.73
N ARG D 54 12.90 -34.84 3.58
CA ARG D 54 11.65 -35.18 2.89
C ARG D 54 10.69 -35.94 3.77
N SER D 55 11.24 -36.80 4.64
CA SER D 55 10.42 -37.71 5.43
C SER D 55 9.73 -37.01 6.61
N ILE D 56 10.25 -35.84 7.00
CA ILE D 56 9.76 -35.07 8.16
C ILE D 56 8.36 -34.53 7.97
N SER D 57 8.03 -34.12 6.75
CA SER D 57 6.74 -33.48 6.50
C SER D 57 6.23 -33.77 5.09
N PRO D 58 4.93 -33.53 4.85
CA PRO D 58 4.35 -33.76 3.52
C PRO D 58 4.79 -32.77 2.44
N ASP D 59 5.44 -31.70 2.84
CA ASP D 59 5.77 -30.60 1.92
C ASP D 59 7.15 -30.04 2.21
N LEU D 60 8.14 -30.51 1.47
CA LEU D 60 9.49 -29.97 1.54
C LEU D 60 9.68 -28.90 0.48
N LYS D 61 9.99 -27.70 0.95
CA LYS D 61 10.38 -26.56 0.12
C LYS D 61 11.85 -26.30 0.45
N ILE D 62 12.67 -26.14 -0.58
CA ILE D 62 14.11 -26.23 -0.38
C ILE D 62 14.85 -25.38 -1.37
N VAL D 63 15.94 -24.77 -0.91
CA VAL D 63 16.84 -24.03 -1.77
C VAL D 63 18.24 -24.60 -1.74
N ARG D 64 19.00 -24.25 -2.74
CA ARG D 64 20.35 -24.75 -2.92
C ARG D 64 21.35 -23.92 -2.12
N GLY D 65 22.17 -24.59 -1.30
CA GLY D 65 23.26 -23.95 -0.59
C GLY D 65 24.50 -23.99 -1.47
N ARG D 66 25.52 -23.18 -1.14
CA ARG D 66 26.72 -23.13 -1.95
C ARG D 66 27.49 -24.46 -1.95
N MET D 67 27.27 -25.30 -0.94
CA MET D 67 27.92 -26.60 -0.88
C MET D 67 27.08 -27.70 -1.54
N ASP D 68 25.86 -27.37 -1.95
CA ASP D 68 25.04 -28.31 -2.74
C ASP D 68 25.35 -28.10 -4.23
N VAL D 69 26.61 -28.19 -4.60
CA VAL D 69 27.05 -27.64 -5.88
C VAL D 69 26.34 -28.33 -7.06
N GLU D 70 26.22 -29.65 -7.03
CA GLU D 70 25.59 -30.38 -8.14
C GLU D 70 24.05 -30.47 -8.05
N ALA D 71 23.43 -29.83 -7.07
CA ALA D 71 21.97 -29.97 -6.89
C ALA D 71 21.22 -29.00 -7.80
N THR D 72 21.34 -29.23 -9.10
CA THR D 72 20.86 -28.30 -10.12
C THR D 72 19.35 -28.17 -10.13
N SER D 73 18.66 -29.16 -9.55
CA SER D 73 17.20 -29.15 -9.53
C SER D 73 16.64 -28.34 -8.37
N LEU D 74 17.51 -27.80 -7.52
CA LEU D 74 17.08 -26.97 -6.38
C LEU D 74 17.20 -25.50 -6.71
N PRO D 75 16.12 -24.74 -6.46
CA PRO D 75 16.19 -23.30 -6.75
C PRO D 75 17.08 -22.55 -5.77
N LEU D 76 17.56 -21.39 -6.17
CA LEU D 76 18.42 -20.58 -5.30
C LEU D 76 17.62 -19.77 -4.29
N MET D 77 16.34 -19.55 -4.56
CA MET D 77 15.44 -18.85 -3.66
C MET D 77 14.08 -19.51 -3.73
N GLN D 78 13.24 -19.22 -2.75
CA GLN D 78 11.89 -19.76 -2.72
C GLN D 78 11.01 -18.84 -1.90
N VAL D 79 9.72 -18.82 -2.23
CA VAL D 79 8.75 -18.01 -1.51
C VAL D 79 7.51 -18.81 -1.29
N VAL D 80 7.14 -18.95 -0.01
CA VAL D 80 5.86 -19.56 0.35
C VAL D 80 4.97 -18.49 0.95
N THR D 81 3.67 -18.65 0.74
CA THR D 81 2.67 -17.71 1.24
C THR D 81 1.79 -18.43 2.24
N HIS D 82 1.69 -17.85 3.44
CA HIS D 82 0.81 -18.38 4.49
C HIS D 82 0.04 -17.23 5.09
N GLY D 83 -1.27 -17.37 5.22
CA GLY D 83 -2.08 -16.25 5.66
C GLY D 83 -1.86 -15.07 4.75
N SER D 84 -1.55 -13.93 5.35
CA SER D 84 -1.30 -12.72 4.59
C SER D 84 0.20 -12.43 4.49
N LEU D 85 1.05 -13.42 4.80
CA LEU D 85 2.48 -13.22 4.77
C LEU D 85 3.17 -13.96 3.63
N ARG D 86 4.07 -13.26 2.96
CA ARG D 86 5.03 -13.87 2.06
C ARG D 86 6.34 -14.10 2.80
N ILE D 87 6.79 -15.36 2.77
CA ILE D 87 7.99 -15.81 3.45
C ILE D 87 8.99 -16.30 2.44
N GLY D 88 10.09 -15.58 2.27
CA GLY D 88 11.10 -15.95 1.32
C GLY D 88 12.29 -16.54 2.01
N PHE D 89 13.03 -17.37 1.29
CA PHE D 89 14.25 -17.91 1.88
C PHE D 89 15.28 -18.28 0.85
N LEU D 90 16.53 -18.35 1.33
CA LEU D 90 17.71 -18.54 0.54
C LEU D 90 18.82 -18.92 1.52
N GLU D 91 19.94 -19.42 1.01
CA GLU D 91 21.09 -19.63 1.90
C GLU D 91 21.63 -18.28 2.42
N GLY D 92 22.00 -17.37 1.52
CA GLY D 92 22.47 -16.06 1.97
C GLY D 92 23.73 -16.14 2.83
N PHE D 93 24.71 -16.87 2.34
CA PHE D 93 25.93 -17.14 3.09
C PHE D 93 26.54 -15.89 3.73
N THR D 94 26.63 -14.80 2.96
CA THR D 94 27.34 -13.62 3.43
C THR D 94 26.44 -12.63 4.20
N LEU D 95 25.16 -12.94 4.34
CA LEU D 95 24.22 -12.04 4.99
C LEU D 95 24.36 -12.15 6.50
N VAL D 96 24.38 -10.99 7.17
CA VAL D 96 24.58 -10.91 8.60
C VAL D 96 23.70 -9.80 9.22
N SER D 97 23.27 -10.00 10.46
CA SER D 97 22.45 -9.00 11.16
C SER D 97 23.14 -7.64 11.33
N GLU D 98 24.47 -7.59 11.32
CA GLU D 98 25.17 -6.33 11.51
C GLU D 98 25.26 -5.52 10.19
N GLU D 99 24.74 -6.07 9.09
CA GLU D 99 24.56 -5.33 7.82
C GLU D 99 23.12 -5.48 7.38
N PRO D 100 22.23 -4.79 8.09
CA PRO D 100 20.81 -5.07 7.88
C PRO D 100 20.29 -4.56 6.55
N ASP D 101 20.92 -3.55 5.93
CA ASP D 101 20.42 -3.10 4.63
C ASP D 101 20.72 -4.12 3.53
N VAL D 102 21.75 -4.95 3.72
CA VAL D 102 22.01 -5.97 2.72
C VAL D 102 20.96 -7.06 2.82
N LEU D 103 20.58 -7.43 4.03
CA LEU D 103 19.43 -8.31 4.24
C LEU D 103 18.14 -7.70 3.71
N LEU D 104 17.92 -6.43 3.97
CA LEU D 104 16.70 -5.79 3.49
C LEU D 104 16.67 -5.77 1.97
N ALA D 105 17.81 -5.55 1.31
CA ALA D 105 17.85 -5.58 -0.16
C ALA D 105 17.41 -6.95 -0.66
N GLU D 106 17.81 -8.01 0.02
CA GLU D 106 17.39 -9.36 -0.41
C GLU D 106 15.90 -9.55 -0.16
N ALA D 107 15.41 -9.06 0.97
CA ALA D 107 13.98 -9.16 1.27
C ALA D 107 13.15 -8.37 0.26
N ASN D 108 13.67 -7.25 -0.19
CA ASN D 108 12.97 -6.47 -1.23
C ASN D 108 13.05 -7.13 -2.60
N LYS D 109 14.14 -7.84 -2.86
CA LYS D 109 14.35 -8.51 -4.14
C LYS D 109 13.41 -9.70 -4.27
N LEU D 110 13.39 -10.54 -3.24
CA LEU D 110 12.41 -11.64 -3.19
C LEU D 110 11.01 -11.05 -3.01
N ASP D 111 10.95 -9.87 -2.42
CA ASP D 111 9.74 -9.10 -2.16
C ASP D 111 8.83 -9.83 -1.19
N VAL D 112 9.30 -9.92 0.06
CA VAL D 112 8.66 -10.72 1.09
C VAL D 112 8.58 -9.98 2.43
N ASP D 113 7.68 -10.43 3.29
CA ASP D 113 7.51 -9.89 4.63
C ASP D 113 8.51 -10.46 5.63
N VAL D 114 8.82 -11.71 5.42
CA VAL D 114 9.69 -12.50 6.27
C VAL D 114 10.76 -13.08 5.40
N LEU D 115 12.00 -12.85 5.77
CA LEU D 115 13.15 -13.43 5.08
C LEU D 115 13.89 -14.37 6.01
N CYS D 116 13.96 -15.64 5.62
CA CYS D 116 14.75 -16.62 6.35
C CYS D 116 16.02 -16.89 5.58
N TRP D 117 17.17 -16.87 6.25
CA TRP D 117 18.42 -17.16 5.58
C TRP D 117 19.32 -17.98 6.49
N ALA D 118 20.18 -18.77 5.91
CA ALA D 118 21.08 -19.66 6.64
C ALA D 118 22.50 -19.16 6.45
N GLY D 119 22.77 -18.00 7.04
CA GLY D 119 24.06 -17.35 6.92
C GLY D 119 25.22 -18.13 7.51
N GLY D 120 26.41 -17.73 7.08
CA GLY D 120 27.63 -18.40 7.49
C GLY D 120 27.94 -18.29 8.97
N SER D 121 27.19 -17.49 9.71
CA SER D 121 27.41 -17.37 11.15
C SER D 121 27.12 -18.71 11.88
N HIS D 122 26.24 -19.51 11.29
CA HIS D 122 25.66 -20.68 11.97
C HIS D 122 25.19 -20.34 13.38
N ARG D 123 24.50 -19.20 13.51
CA ARG D 123 23.93 -18.83 14.79
C ARG D 123 22.51 -18.39 14.50
N PHE D 124 21.63 -18.72 15.43
CA PHE D 124 20.29 -18.19 15.39
C PHE D 124 20.37 -16.65 15.41
N GLU D 125 19.69 -16.01 14.45
CA GLU D 125 19.64 -14.55 14.37
C GLU D 125 18.16 -14.21 14.14
N CYS D 126 17.68 -13.13 14.71
CA CYS D 126 16.29 -12.78 14.54
C CYS D 126 16.07 -11.31 14.91
N PHE D 127 15.55 -10.53 13.96
CA PHE D 127 15.25 -9.13 14.25
C PHE D 127 14.16 -8.57 13.33
N GLU D 128 13.57 -7.46 13.76
CA GLU D 128 12.62 -6.69 12.98
C GLU D 128 13.32 -5.47 12.41
N TYR D 129 13.00 -5.16 11.16
CA TYR D 129 13.58 -4.03 10.47
C TYR D 129 12.72 -3.67 9.26
N MET D 130 12.38 -2.39 9.14
CA MET D 130 11.65 -1.84 7.99
C MET D 130 10.37 -2.61 7.72
N ASP D 131 9.65 -2.91 8.79
CA ASP D 131 8.36 -3.61 8.77
C ASP D 131 8.44 -5.09 8.39
N LYS D 132 9.66 -5.61 8.22
CA LYS D 132 9.90 -6.99 7.90
C LYS D 132 10.52 -7.74 9.09
N PHE D 133 10.61 -9.06 8.95
CA PHE D 133 11.10 -9.97 9.97
C PHE D 133 12.19 -10.80 9.32
N PHE D 134 13.33 -10.92 10.00
CA PHE D 134 14.50 -11.61 9.50
C PHE D 134 14.88 -12.72 10.47
N VAL D 135 15.02 -13.93 9.94
CA VAL D 135 15.27 -15.11 10.76
C VAL D 135 16.37 -15.96 10.14
N ASN D 136 17.41 -16.25 10.92
CA ASN D 136 18.41 -17.26 10.60
C ASN D 136 18.25 -18.41 11.59
N PRO D 137 17.89 -19.62 11.11
CA PRO D 137 17.63 -20.70 12.08
C PRO D 137 18.90 -21.28 12.68
N GLY D 138 20.08 -20.85 12.22
CA GLY D 138 21.32 -21.47 12.65
C GLY D 138 21.48 -22.81 11.96
N SER D 139 22.37 -23.63 12.51
CA SER D 139 22.68 -24.94 11.96
C SER D 139 22.06 -26.03 12.82
N ALA D 140 21.23 -26.88 12.25
CA ALA D 140 20.55 -27.88 13.07
C ALA D 140 21.51 -28.96 13.61
N THR D 141 22.69 -29.08 13.00
CA THR D 141 23.70 -30.03 13.44
C THR D 141 24.78 -29.39 14.29
N GLY D 142 24.74 -28.08 14.44
CA GLY D 142 25.82 -27.37 15.10
C GLY D 142 27.11 -27.45 14.31
N ALA D 143 27.00 -27.45 12.99
CA ALA D 143 28.17 -27.58 12.13
C ALA D 143 29.14 -26.42 12.33
N PHE D 144 30.44 -26.69 12.29
CA PHE D 144 31.40 -25.61 12.43
C PHE D 144 31.32 -24.66 11.24
N THR D 145 31.78 -23.43 11.47
CA THR D 145 31.81 -22.41 10.43
C THR D 145 33.12 -22.47 9.63
N THR D 146 33.08 -21.84 8.45
CA THR D 146 34.27 -21.69 7.61
C THR D 146 34.31 -20.29 7.00
N ASP D 147 35.51 -19.81 6.72
CA ASP D 147 35.69 -18.49 6.09
C ASP D 147 34.90 -17.42 6.81
N TRP D 148 34.95 -17.44 8.14
CA TRP D 148 34.16 -16.55 8.96
C TRP D 148 35.00 -15.92 10.08
N GLU D 154 31.59 -21.28 20.23
CA GLU D 154 31.12 -22.61 19.87
C GLU D 154 29.74 -22.54 19.24
N VAL D 155 29.51 -23.36 18.21
CA VAL D 155 28.24 -23.35 17.52
C VAL D 155 27.17 -24.09 18.34
N VAL D 156 26.00 -23.49 18.46
CA VAL D 156 24.86 -24.04 19.19
C VAL D 156 23.86 -24.58 18.19
N PRO D 157 23.62 -25.91 18.19
CA PRO D 157 22.62 -26.42 17.25
C PRO D 157 21.28 -25.75 17.44
N SER D 158 20.60 -25.46 16.34
CA SER D 158 19.31 -24.82 16.42
C SER D 158 18.49 -25.00 15.16
N PHE D 159 17.19 -24.79 15.33
CA PHE D 159 16.25 -24.71 14.23
C PHE D 159 15.02 -23.97 14.76
N CYS D 160 14.08 -23.66 13.87
CA CYS D 160 12.85 -23.01 14.30
C CYS D 160 11.60 -23.70 13.79
N LEU D 161 10.53 -23.54 14.55
CA LEU D 161 9.18 -23.92 14.10
C LEU D 161 8.34 -22.66 14.07
N MET D 162 7.56 -22.50 13.01
CA MET D 162 6.75 -21.30 12.79
C MET D 162 5.29 -21.65 12.65
N ASP D 163 4.44 -20.78 13.18
CA ASP D 163 2.99 -20.90 13.09
C ASP D 163 2.48 -19.56 12.59
N VAL D 164 1.85 -19.54 11.41
CA VAL D 164 1.32 -18.29 10.86
C VAL D 164 -0.20 -18.23 10.97
N GLN D 165 -0.70 -17.10 11.45
CA GLN D 165 -2.13 -16.84 11.51
C GLN D 165 -2.36 -15.45 10.94
N GLY D 166 -2.89 -15.36 9.73
CA GLY D 166 -3.19 -14.06 9.14
C GLY D 166 -1.95 -13.23 8.94
N ILE D 167 -1.83 -12.12 9.68
CA ILE D 167 -0.65 -11.29 9.57
C ILE D 167 0.34 -11.50 10.71
N SER D 168 0.11 -12.53 11.52
CA SER D 168 0.97 -12.80 12.65
C SER D 168 1.70 -14.13 12.51
N LEU D 169 2.94 -14.13 12.98
CA LEU D 169 3.80 -15.29 12.93
C LEU D 169 4.33 -15.54 14.34
N THR D 170 4.18 -16.77 14.80
CA THR D 170 4.77 -17.20 16.07
C THR D 170 5.94 -18.12 15.78
N LEU D 171 7.11 -17.75 16.29
CA LEU D 171 8.36 -18.46 16.04
C LEU D 171 8.80 -19.14 17.32
N TYR D 172 8.98 -20.46 17.26
CA TYR D 172 9.54 -21.22 18.37
C TYR D 172 10.98 -21.56 18.02
N VAL D 173 11.91 -21.05 18.80
CA VAL D 173 13.31 -21.26 18.55
C VAL D 173 13.80 -22.39 19.46
N TYR D 174 14.39 -23.42 18.83
CA TYR D 174 14.94 -24.59 19.55
C TYR D 174 16.44 -24.55 19.50
N GLN D 175 17.07 -24.60 20.67
CA GLN D 175 18.52 -24.64 20.74
C GLN D 175 18.97 -25.73 21.65
N LEU D 176 20.08 -26.35 21.30
CA LEU D 176 20.72 -27.33 22.17
C LEU D 176 21.84 -26.62 22.90
N ARG D 177 21.53 -26.10 24.09
CA ARG D 177 22.43 -25.23 24.85
C ARG D 177 23.20 -26.01 25.87
N LYS D 178 24.47 -25.67 26.06
CA LYS D 178 25.27 -26.34 27.09
C LYS D 178 25.22 -25.60 28.41
N ASP D 179 25.11 -26.34 29.52
CA ASP D 179 25.15 -25.71 30.84
C ASP D 179 26.63 -25.54 31.20
N GLU D 180 26.91 -25.03 32.41
CA GLU D 180 28.28 -24.69 32.79
C GLU D 180 29.20 -25.91 32.77
N ASN D 181 28.61 -27.10 32.82
CA ASN D 181 29.37 -28.34 32.85
C ASN D 181 29.41 -29.05 31.51
N GLY D 182 28.79 -28.47 30.49
CA GLY D 182 28.81 -29.03 29.14
C GLY D 182 27.64 -29.94 28.80
N THR D 183 26.70 -30.08 29.73
CA THR D 183 25.50 -30.88 29.47
C THR D 183 24.62 -30.17 28.44
N GLU D 184 24.20 -30.89 27.41
CA GLU D 184 23.35 -30.33 26.36
C GLU D 184 21.86 -30.47 26.65
N ASN D 185 21.19 -29.32 26.70
CA ASN D 185 19.78 -29.24 27.06
C ASN D 185 18.97 -28.58 25.95
N VAL D 186 17.78 -29.09 25.65
CA VAL D 186 16.90 -28.42 24.70
C VAL D 186 16.18 -27.26 25.39
N ALA D 187 16.34 -26.08 24.81
CA ALA D 187 15.75 -24.85 25.31
C ALA D 187 14.93 -24.24 24.20
N VAL D 188 13.70 -23.86 24.55
CA VAL D 188 12.75 -23.28 23.63
C VAL D 188 12.40 -21.84 24.03
N GLU D 189 12.36 -20.94 23.03
CA GLU D 189 11.94 -19.56 23.22
C GLU D 189 10.94 -19.18 22.13
N LYS D 190 9.93 -18.42 22.53
CA LYS D 190 8.93 -17.88 21.61
C LYS D 190 9.16 -16.42 21.25
N VAL D 191 9.06 -16.15 19.94
CA VAL D 191 9.14 -14.79 19.38
C VAL D 191 7.91 -14.59 18.52
N THR D 192 7.30 -13.42 18.57
CA THR D 192 6.17 -13.11 17.69
C THR D 192 6.43 -11.92 16.80
N TYR D 193 6.01 -12.02 15.55
CA TYR D 193 6.04 -10.93 14.58
C TYR D 193 4.65 -10.69 14.05
N THR D 194 4.26 -9.43 13.98
CA THR D 194 3.00 -9.05 13.36
C THR D 194 3.29 -8.03 12.28
N LYS D 195 2.89 -8.37 11.05
CA LYS D 195 3.14 -7.50 9.92
C LYS D 195 2.42 -6.17 10.12
N PRO D 196 3.14 -5.05 10.04
CA PRO D 196 2.46 -3.76 10.07
C PRO D 196 1.55 -3.64 8.85
N VAL D 197 0.29 -3.37 9.13
CA VAL D 197 -0.70 -3.15 8.09
C VAL D 197 -1.41 -1.88 8.48
N GLU D 198 -1.70 -1.06 7.49
CA GLU D 198 -2.45 0.14 7.78
C GLU D 198 -3.46 0.33 6.68
N PRO D 199 -4.55 1.00 7.01
CA PRO D 199 -5.52 1.27 5.95
C PRO D 199 -4.95 2.08 4.80
N THR D 200 -5.54 1.87 3.64
CA THR D 200 -5.20 2.64 2.46
C THR D 200 -5.40 4.15 2.66
N GLY D 201 -6.54 4.52 3.21
CA GLY D 201 -6.82 5.92 3.47
C GLY D 201 -7.16 6.65 2.20
N ALA D 202 -6.77 7.92 2.10
CA ALA D 202 -7.15 8.74 0.96
C ALA D 202 -6.44 8.35 -0.33
N SER D 203 -5.29 7.70 -0.19
CA SER D 203 -4.39 7.32 -1.28
C SER D 203 -3.57 8.52 -1.73
N ALA E 4 14.76 21.66 28.30
CA ALA E 4 14.16 21.20 29.55
C ALA E 4 12.98 22.08 29.94
N PHE E 5 11.89 21.43 30.35
CA PHE E 5 10.62 22.11 30.59
C PHE E 5 10.24 22.80 29.29
N LEU E 6 10.00 21.91 28.35
CA LEU E 6 9.52 22.29 27.04
C LEU E 6 8.02 22.14 26.96
N ILE E 7 7.40 23.02 26.17
CA ILE E 7 5.99 22.94 25.85
C ILE E 7 5.84 22.26 24.52
N LEU E 8 5.10 21.15 24.49
CA LEU E 8 4.76 20.46 23.25
C LEU E 8 3.54 21.11 22.62
N VAL E 9 3.66 21.44 21.34
CA VAL E 9 2.54 21.98 20.55
C VAL E 9 2.29 20.96 19.43
N ILE E 10 1.10 20.39 19.43
CA ILE E 10 0.81 19.22 18.59
C ILE E 10 -0.65 19.24 18.18
N GLY E 11 -0.93 18.75 16.98
CA GLY E 11 -2.31 18.70 16.51
C GLY E 11 -2.49 17.80 15.31
N ASN E 12 -3.73 17.76 14.82
CA ASN E 12 -4.08 17.07 13.58
C ASN E 12 -3.53 15.65 13.59
N LEU E 13 -3.81 14.92 14.67
CA LEU E 13 -3.37 13.54 14.73
C LEU E 13 -4.29 12.62 13.91
N HIS E 14 -5.60 12.77 14.09
CA HIS E 14 -6.56 12.06 13.26
C HIS E 14 -6.34 10.55 13.33
N ILE E 15 -6.14 10.06 14.55
CA ILE E 15 -6.05 8.62 14.82
C ILE E 15 -7.42 8.14 15.32
N PRO E 16 -8.00 7.06 14.73
CA PRO E 16 -7.44 6.14 13.73
C PRO E 16 -7.93 6.41 12.31
N ASP E 17 -8.72 7.44 12.10
CA ASP E 17 -9.45 7.53 10.85
C ASP E 17 -8.60 7.98 9.66
N ARG E 18 -7.50 8.70 9.92
CA ARG E 18 -6.58 9.09 8.85
C ARG E 18 -5.17 8.56 9.07
N ALA E 19 -4.84 8.20 10.30
CA ALA E 19 -3.52 7.64 10.60
C ALA E 19 -3.69 6.65 11.73
N LEU E 20 -2.88 5.59 11.77
CA LEU E 20 -3.03 4.62 12.85
C LEU E 20 -2.25 4.95 14.10
N ASP E 21 -1.16 5.71 13.94
CA ASP E 21 -0.30 6.02 15.06
C ASP E 21 0.62 7.18 14.72
N ILE E 22 1.23 7.71 15.76
CA ILE E 22 2.32 8.65 15.61
C ILE E 22 3.52 7.84 15.08
N PRO E 23 4.26 8.41 14.10
CA PRO E 23 5.43 7.75 13.49
C PRO E 23 6.41 7.26 14.54
N PRO E 24 7.02 6.08 14.33
CA PRO E 24 7.89 5.50 15.34
C PRO E 24 9.01 6.47 15.76
N LYS E 25 9.57 7.21 14.80
CA LYS E 25 10.69 8.08 15.14
C LYS E 25 10.25 9.27 16.00
N PHE E 26 8.97 9.61 15.92
CA PHE E 26 8.44 10.69 16.74
C PHE E 26 8.05 10.18 18.12
N LYS E 27 7.61 8.92 18.21
CA LYS E 27 7.23 8.36 19.51
C LYS E 27 8.40 8.39 20.47
N LYS E 28 9.59 8.15 19.96
CA LYS E 28 10.79 8.20 20.77
C LYS E 28 10.95 9.57 21.44
N LEU E 29 10.50 10.62 20.77
CA LEU E 29 10.64 11.99 21.26
C LEU E 29 9.47 12.47 22.13
N LEU E 30 8.28 11.94 21.85
CA LEU E 30 7.05 12.37 22.51
C LEU E 30 6.74 11.48 23.68
N SER E 31 7.58 11.59 24.70
CA SER E 31 7.50 10.72 25.85
C SER E 31 7.97 11.51 27.05
N PRO E 32 7.83 10.91 28.24
CA PRO E 32 8.22 11.65 29.44
C PRO E 32 9.69 12.02 29.41
N GLY E 33 10.02 13.22 29.88
CA GLY E 33 11.39 13.67 29.93
C GLY E 33 11.50 15.17 29.99
N LYS E 34 11.60 15.79 28.82
CA LYS E 34 11.82 17.23 28.73
C LYS E 34 10.51 18.03 28.67
N ILE E 35 9.43 17.38 28.23
CA ILE E 35 8.18 18.07 28.03
C ILE E 35 7.42 18.26 29.34
N SER E 36 7.15 19.51 29.69
CA SER E 36 6.46 19.84 30.93
C SER E 36 4.97 20.10 30.75
N GLN E 37 4.56 20.46 29.54
CA GLN E 37 3.17 20.81 29.27
C GLN E 37 2.89 20.54 27.80
N THR E 38 1.69 20.07 27.49
CA THR E 38 1.29 19.79 26.11
C THR E 38 0.09 20.64 25.77
N LEU E 39 0.19 21.39 24.67
CA LEU E 39 -0.93 22.11 24.09
C LEU E 39 -1.36 21.30 22.89
N CYS E 40 -2.45 20.55 23.06
CA CYS E 40 -2.96 19.72 21.99
C CYS E 40 -4.08 20.46 21.30
N LEU E 41 -3.89 20.70 20.01
CA LEU E 41 -4.78 21.58 19.24
C LEU E 41 -5.86 20.80 18.51
N GLY E 42 -6.27 19.68 19.10
CA GLY E 42 -7.48 18.98 18.66
C GLY E 42 -7.19 17.90 17.64
N ASN E 43 -8.26 17.24 17.23
CA ASN E 43 -8.26 16.17 16.25
C ASN E 43 -7.47 14.97 16.71
N LEU E 44 -7.92 14.33 17.78
CA LEU E 44 -7.14 13.25 18.37
C LEU E 44 -7.17 11.97 17.50
N THR E 45 -8.31 11.34 17.21
CA THR E 45 -9.62 11.66 17.75
C THR E 45 -10.08 10.64 18.81
N ASP E 46 -9.36 9.54 18.99
CA ASP E 46 -9.84 8.46 19.84
C ASP E 46 -9.25 8.50 21.26
N ARG E 47 -9.77 7.62 22.10
CA ARG E 47 -9.40 7.55 23.51
C ARG E 47 -7.94 7.17 23.66
N ALA E 48 -7.50 6.22 22.85
CA ALA E 48 -6.12 5.75 22.93
C ALA E 48 -5.13 6.88 22.71
N THR E 49 -5.46 7.80 21.81
CA THR E 49 -4.57 8.92 21.50
C THR E 49 -4.58 9.90 22.66
N TYR E 50 -5.74 10.11 23.27
CA TYR E 50 -5.81 10.91 24.49
C TYR E 50 -4.93 10.31 25.59
N ASP E 51 -5.05 9.02 25.80
CA ASP E 51 -4.24 8.35 26.83
C ASP E 51 -2.74 8.49 26.55
N TYR E 52 -2.34 8.37 25.29
CA TYR E 52 -0.93 8.53 24.91
C TYR E 52 -0.43 9.94 25.23
N LEU E 53 -1.19 10.95 24.81
CA LEU E 53 -0.80 12.33 25.06
C LEU E 53 -0.70 12.62 26.54
N ARG E 54 -1.63 12.10 27.32
CA ARG E 54 -1.57 12.27 28.75
C ARG E 54 -0.33 11.63 29.37
N SER E 55 0.18 10.56 28.77
CA SER E 55 1.34 9.87 29.32
C SER E 55 2.61 10.71 29.16
N ILE E 56 2.58 11.68 28.25
CA ILE E 56 3.76 12.54 28.03
C ILE E 56 4.00 13.48 29.20
N SER E 57 2.95 14.14 29.66
CA SER E 57 3.01 14.97 30.86
CA SER E 57 3.00 15.00 30.84
C SER E 57 1.59 15.14 31.41
N PRO E 58 1.45 15.16 32.75
CA PRO E 58 0.11 15.32 33.34
C PRO E 58 -0.55 16.62 32.91
N ASP E 59 0.26 17.62 32.59
CA ASP E 59 -0.26 18.91 32.21
C ASP E 59 -0.56 18.91 30.72
N LEU E 60 -1.70 18.31 30.40
CA LEU E 60 -2.22 18.22 29.07
C LEU E 60 -3.39 19.17 28.93
N LYS E 61 -3.27 20.10 28.00
CA LYS E 61 -4.34 21.03 27.69
C LYS E 61 -4.80 20.77 26.28
N ILE E 62 -6.10 20.59 26.11
CA ILE E 62 -6.68 20.22 24.83
C ILE E 62 -7.76 21.21 24.45
N VAL E 63 -7.72 21.64 23.18
CA VAL E 63 -8.84 22.37 22.60
C VAL E 63 -9.47 21.50 21.51
N ARG E 64 -10.75 21.74 21.25
CA ARG E 64 -11.49 20.94 20.28
C ARG E 64 -11.08 21.15 18.84
N GLY E 65 -10.86 20.06 18.11
CA GLY E 65 -10.65 20.13 16.67
C GLY E 65 -11.92 19.83 15.92
N ARG E 66 -11.90 20.14 14.63
CA ARG E 66 -13.10 20.03 13.83
C ARG E 66 -13.57 18.57 13.68
N MET E 67 -12.66 17.61 13.82
CA MET E 67 -13.00 16.20 13.63
C MET E 67 -13.23 15.44 14.93
N ASP E 68 -13.03 16.09 16.08
CA ASP E 68 -13.35 15.44 17.33
C ASP E 68 -14.86 15.31 17.39
N VAL E 69 -15.32 14.12 17.80
CA VAL E 69 -16.74 13.82 17.69
C VAL E 69 -17.41 13.92 19.07
N GLU E 70 -18.62 14.46 19.06
CA GLU E 70 -19.44 14.64 20.26
C GLU E 70 -18.59 15.28 21.36
N ALA E 71 -17.93 16.39 21.01
CA ALA E 71 -16.82 16.91 21.80
C ALA E 71 -17.10 18.27 22.46
N THR E 72 -18.35 18.54 22.83
CA THR E 72 -18.66 19.81 23.50
C THR E 72 -17.98 19.96 24.85
N SER E 73 -17.47 18.87 25.40
CA SER E 73 -16.72 18.94 26.64
C SER E 73 -15.32 19.52 26.46
N LEU E 74 -14.84 19.60 25.22
CA LEU E 74 -13.53 20.20 24.92
C LEU E 74 -13.74 21.68 24.60
N PRO E 75 -13.00 22.59 25.26
CA PRO E 75 -13.14 24.02 24.98
C PRO E 75 -12.63 24.35 23.59
N LEU E 76 -13.12 25.44 23.01
CA LEU E 76 -12.68 25.88 21.67
C LEU E 76 -11.34 26.60 21.71
N MET E 77 -11.04 27.27 22.82
CA MET E 77 -9.84 28.09 22.95
C MET E 77 -9.36 28.02 24.38
N GLN E 78 -8.06 28.24 24.58
CA GLN E 78 -7.49 28.32 25.92
C GLN E 78 -6.33 29.27 25.87
N VAL E 79 -5.97 29.80 27.04
CA VAL E 79 -4.79 30.63 27.22
C VAL E 79 -3.99 30.10 28.39
N VAL E 80 -2.67 30.05 28.23
CA VAL E 80 -1.75 29.75 29.32
C VAL E 80 -0.70 30.84 29.41
N THR E 81 -0.11 30.98 30.58
CA THR E 81 0.90 31.99 30.81
C THR E 81 2.20 31.34 31.23
N HIS E 82 3.27 31.69 30.52
CA HIS E 82 4.62 31.23 30.86
C HIS E 82 5.55 32.42 30.89
N GLY E 83 6.27 32.59 31.99
CA GLY E 83 7.07 33.78 32.18
C GLY E 83 6.22 35.01 31.94
N SER E 84 6.69 35.86 31.04
CA SER E 84 6.00 37.10 30.73
C SER E 84 5.17 37.01 29.45
N LEU E 85 4.97 35.79 28.95
CA LEU E 85 4.22 35.58 27.70
C LEU E 85 2.89 34.90 27.94
N ARG E 86 1.87 35.45 27.28
CA ARG E 86 0.56 34.81 27.23
C ARG E 86 0.45 34.09 25.88
N ILE E 87 0.09 32.81 25.94
CA ILE E 87 -0.02 31.95 24.78
C ILE E 87 -1.46 31.46 24.65
N GLY E 88 -2.08 31.80 23.52
CA GLY E 88 -3.44 31.37 23.22
C GLY E 88 -3.39 30.25 22.21
N PHE E 89 -4.37 29.35 22.27
CA PHE E 89 -4.41 28.27 21.30
C PHE E 89 -5.83 27.82 21.02
N LEU E 90 -6.03 27.37 19.77
CA LEU E 90 -7.32 26.94 19.25
C LEU E 90 -6.98 26.09 18.04
N GLU E 91 -7.91 25.30 17.54
CA GLU E 91 -7.63 24.53 16.34
C GLU E 91 -7.61 25.41 15.10
N GLY E 92 -8.58 26.32 15.01
CA GLY E 92 -8.66 27.25 13.90
C GLY E 92 -9.98 27.20 13.16
N PHE E 93 -10.77 26.13 13.30
CA PHE E 93 -11.95 26.02 12.46
C PHE E 93 -13.03 27.03 12.82
N THR E 94 -12.89 27.66 13.98
CA THR E 94 -13.83 28.70 14.38
C THR E 94 -13.46 30.06 13.78
N LEU E 95 -12.28 30.18 13.15
CA LEU E 95 -11.91 31.40 12.43
C LEU E 95 -12.43 31.39 11.01
N VAL E 96 -12.60 32.58 10.43
CA VAL E 96 -13.16 32.65 9.09
C VAL E 96 -12.10 32.31 8.05
N SER E 97 -10.83 32.43 8.43
CA SER E 97 -9.72 32.07 7.58
C SER E 97 -8.47 31.98 8.45
N GLU E 98 -7.31 31.76 7.83
CA GLU E 98 -6.04 31.78 8.56
C GLU E 98 -5.13 32.86 7.98
N GLU E 99 -5.75 33.90 7.43
CA GLU E 99 -5.00 35.05 6.93
C GLU E 99 -4.33 35.77 8.10
N PRO E 100 -3.19 36.44 7.85
CA PRO E 100 -2.48 37.09 8.97
C PRO E 100 -3.34 38.05 9.78
N ASP E 101 -4.17 38.87 9.16
CA ASP E 101 -4.98 39.80 9.96
C ASP E 101 -6.07 39.09 10.76
N VAL E 102 -6.54 37.95 10.26
CA VAL E 102 -7.56 37.18 10.97
C VAL E 102 -6.96 36.50 12.18
N LEU E 103 -5.75 35.98 12.04
CA LEU E 103 -5.06 35.36 13.15
C LEU E 103 -4.72 36.44 14.17
N LEU E 104 -4.28 37.60 13.70
CA LEU E 104 -3.95 38.69 14.62
C LEU E 104 -5.17 39.14 15.40
N ALA E 105 -6.33 39.18 14.73
CA ALA E 105 -7.53 39.61 15.40
C ALA E 105 -7.89 38.62 16.53
N GLU E 106 -7.60 37.35 16.32
CA GLU E 106 -7.89 36.36 17.35
C GLU E 106 -6.89 36.53 18.48
N ALA E 107 -5.62 36.77 18.15
CA ALA E 107 -4.62 37.00 19.20
C ALA E 107 -4.95 38.24 20.05
N ASN E 108 -5.44 39.29 19.39
CA ASN E 108 -5.89 40.47 20.13
C ASN E 108 -7.17 40.22 20.95
N LYS E 109 -8.10 39.41 20.45
CA LYS E 109 -9.28 39.05 21.23
C LYS E 109 -8.93 38.31 22.51
N LEU E 110 -8.02 37.35 22.40
CA LEU E 110 -7.54 36.59 23.57
C LEU E 110 -6.51 37.34 24.39
N ASP E 111 -6.01 38.45 23.82
CA ASP E 111 -4.93 39.25 24.41
C ASP E 111 -3.67 38.43 24.70
N VAL E 112 -3.17 37.77 23.67
CA VAL E 112 -1.99 36.92 23.81
C VAL E 112 -0.86 37.40 22.90
N ASP E 113 0.36 37.06 23.31
CA ASP E 113 1.57 37.39 22.56
C ASP E 113 1.87 36.34 21.51
N VAL E 114 1.44 35.11 21.79
CA VAL E 114 1.69 33.96 20.94
C VAL E 114 0.37 33.28 20.67
N LEU E 115 0.07 33.01 19.40
CA LEU E 115 -1.13 32.29 19.04
C LEU E 115 -0.74 31.00 18.31
N CYS E 116 -1.20 29.86 18.84
CA CYS E 116 -1.00 28.57 18.22
C CYS E 116 -2.32 28.07 17.62
N TRP E 117 -2.27 27.60 16.37
CA TRP E 117 -3.43 26.97 15.77
C TRP E 117 -2.97 25.81 14.93
N ALA E 118 -3.90 24.93 14.56
CA ALA E 118 -3.53 23.79 13.75
C ALA E 118 -4.69 23.38 12.88
N GLY E 119 -4.85 24.15 11.81
CA GLY E 119 -5.99 24.01 10.94
C GLY E 119 -5.86 22.97 9.84
N GLY E 120 -6.81 23.02 8.92
CA GLY E 120 -7.05 21.92 7.99
C GLY E 120 -5.99 21.72 6.93
N SER E 121 -5.06 22.66 6.79
CA SER E 121 -4.00 22.50 5.80
C SER E 121 -2.98 21.45 6.24
N HIS E 122 -2.95 21.15 7.54
CA HIS E 122 -1.95 20.19 8.08
C HIS E 122 -0.52 20.53 7.66
N ARG E 123 -0.18 21.79 7.82
CA ARG E 123 1.12 22.30 7.39
C ARG E 123 1.72 23.15 8.49
N PHE E 124 2.97 22.86 8.83
CA PHE E 124 3.71 23.71 9.75
C PHE E 124 3.83 25.14 9.19
N GLU E 125 3.53 26.12 10.05
CA GLU E 125 3.69 27.53 9.74
C GLU E 125 4.23 28.23 10.96
N CYS E 126 5.07 29.23 10.76
CA CYS E 126 5.62 29.99 11.87
C CYS E 126 6.10 31.35 11.38
N PHE E 127 5.57 32.41 11.97
CA PHE E 127 5.95 33.77 11.58
C PHE E 127 5.61 34.76 12.67
N GLU E 128 6.26 35.90 12.59
CA GLU E 128 6.01 37.03 13.48
C GLU E 128 5.35 38.14 12.69
N TYR E 129 4.34 38.77 13.28
CA TYR E 129 3.54 39.80 12.63
C TYR E 129 3.01 40.70 13.73
N MET E 130 3.21 42.00 13.57
CA MET E 130 2.67 42.97 14.51
C MET E 130 3.06 42.64 15.95
N ASP E 131 4.32 42.22 16.11
CA ASP E 131 4.97 42.01 17.42
C ASP E 131 4.41 40.81 18.17
N LYS E 132 3.67 39.98 17.46
CA LYS E 132 3.17 38.72 18.00
C LYS E 132 3.68 37.53 17.19
N PHE E 133 3.60 36.35 17.79
CA PHE E 133 4.18 35.13 17.23
C PHE E 133 3.10 34.14 16.89
N PHE E 134 3.15 33.57 15.71
CA PHE E 134 2.09 32.69 15.19
C PHE E 134 2.70 31.33 14.86
N VAL E 135 2.12 30.27 15.42
CA VAL E 135 2.69 28.92 15.36
C VAL E 135 1.62 27.91 14.97
N ASN E 136 1.88 27.14 13.93
CA ASN E 136 1.02 26.01 13.53
C ASN E 136 1.90 24.78 13.43
N PRO E 137 1.69 23.79 14.31
CA PRO E 137 2.62 22.66 14.33
C PRO E 137 2.43 21.65 13.21
N GLY E 138 1.41 21.85 12.39
CA GLY E 138 1.08 20.88 11.38
C GLY E 138 0.43 19.62 11.96
N SER E 139 0.62 18.49 11.30
CA SER E 139 0.05 17.22 11.72
C SER E 139 1.13 16.27 12.20
N ALA E 140 1.04 15.81 13.44
CA ALA E 140 2.06 14.93 13.99
C ALA E 140 2.11 13.57 13.33
N THR E 141 1.02 13.20 12.64
CA THR E 141 0.94 11.89 12.02
C THR E 141 1.13 11.91 10.51
N GLY E 142 1.15 13.11 9.93
CA GLY E 142 1.16 13.23 8.49
C GLY E 142 -0.20 12.89 7.87
N ALA E 143 -1.26 13.12 8.62
CA ALA E 143 -2.61 12.77 8.17
C ALA E 143 -2.99 13.55 6.93
N PHE E 144 -3.72 12.92 6.01
CA PHE E 144 -4.16 13.59 4.79
C PHE E 144 -5.06 14.77 5.16
N THR E 145 -5.04 15.80 4.31
CA THR E 145 -5.96 16.93 4.40
C THR E 145 -7.20 16.72 3.57
N THR E 146 -8.31 17.30 4.02
CA THR E 146 -9.54 17.28 3.25
C THR E 146 -9.40 18.12 2.01
N ASP E 147 -8.53 19.14 2.09
CA ASP E 147 -8.24 20.04 0.97
C ASP E 147 -7.88 19.25 -0.29
N GLU E 154 2.66 16.19 -0.45
CA GLU E 154 2.54 15.21 0.62
C GLU E 154 2.71 15.85 1.99
N VAL E 155 1.89 15.44 2.93
CA VAL E 155 1.89 16.01 4.26
C VAL E 155 3.11 15.50 5.02
N VAL E 156 3.89 16.43 5.58
CA VAL E 156 5.10 16.09 6.29
C VAL E 156 4.77 16.08 7.76
N PRO E 157 4.91 14.92 8.44
CA PRO E 157 4.63 14.90 9.89
C PRO E 157 5.46 15.91 10.65
N SER E 158 4.84 16.60 11.60
CA SER E 158 5.59 17.57 12.40
C SER E 158 4.91 17.87 13.72
N PHE E 159 5.71 18.41 14.65
CA PHE E 159 5.20 19.01 15.89
C PHE E 159 6.24 20.02 16.31
N CYS E 160 5.92 20.82 17.33
CA CYS E 160 6.83 21.86 17.83
C CYS E 160 7.09 21.69 19.33
N LEU E 161 8.29 22.07 19.76
CA LEU E 161 8.59 22.23 21.17
C LEU E 161 8.96 23.68 21.41
N MET E 162 8.48 24.27 22.51
CA MET E 162 8.73 25.67 22.81
C MET E 162 9.37 25.80 24.19
N ASP E 163 10.41 26.63 24.26
CA ASP E 163 11.10 26.95 25.50
C ASP E 163 10.91 28.45 25.78
N VAL E 164 10.14 28.77 26.82
CA VAL E 164 9.91 30.17 27.17
C VAL E 164 10.85 30.57 28.29
N GLN E 165 11.48 31.73 28.14
CA GLN E 165 12.35 32.33 29.15
C GLN E 165 12.04 33.82 29.20
N GLY E 166 11.28 34.25 30.20
CA GLY E 166 11.00 35.66 30.35
C GLY E 166 10.10 36.16 29.24
N ILE E 167 10.60 37.11 28.44
CA ILE E 167 9.85 37.64 27.30
C ILE E 167 10.29 36.99 25.99
N SER E 168 11.12 35.97 26.08
CA SER E 168 11.66 35.33 24.89
C SER E 168 11.17 33.91 24.80
N LEU E 169 11.10 33.40 23.57
CA LEU E 169 10.70 32.04 23.33
C LEU E 169 11.62 31.44 22.26
N THR E 170 11.96 30.17 22.41
CA THR E 170 12.63 29.46 21.33
C THR E 170 11.70 28.35 20.90
N LEU E 171 11.48 28.24 19.60
CA LEU E 171 10.63 27.19 19.04
C LEU E 171 11.49 26.23 18.23
N TYR E 172 11.29 24.95 18.48
CA TYR E 172 11.92 23.91 17.66
C TYR E 172 10.84 23.19 16.92
N VAL E 173 11.00 23.06 15.61
CA VAL E 173 10.06 22.21 14.85
C VAL E 173 10.77 20.94 14.42
N TYR E 174 10.07 19.83 14.63
CA TYR E 174 10.55 18.50 14.28
C TYR E 174 9.73 18.03 13.10
N GLN E 175 10.41 17.68 12.01
CA GLN E 175 9.74 17.21 10.80
C GLN E 175 10.28 15.85 10.39
N LEU E 176 9.41 15.00 9.87
CA LEU E 176 9.85 13.70 9.38
C LEU E 176 9.91 13.79 7.87
N ARG E 177 11.12 13.88 7.34
CA ARG E 177 11.36 14.15 5.94
C ARG E 177 11.89 12.93 5.24
N LYS E 178 11.44 12.69 4.02
CA LYS E 178 11.93 11.52 3.28
C LYS E 178 13.17 11.82 2.44
N ASP E 179 14.13 10.88 2.45
CA ASP E 179 15.28 11.00 1.57
C ASP E 179 14.94 10.41 0.20
N GLU E 180 15.93 10.35 -0.68
CA GLU E 180 15.72 9.92 -2.07
C GLU E 180 15.10 8.54 -2.20
N ASN E 181 15.28 7.71 -1.18
CA ASN E 181 14.84 6.32 -1.23
C ASN E 181 13.65 6.04 -0.30
N GLY E 182 13.06 7.10 0.21
CA GLY E 182 11.85 6.98 1.02
C GLY E 182 12.12 6.81 2.49
N THR E 183 13.38 6.85 2.89
CA THR E 183 13.73 6.74 4.29
C THR E 183 13.34 8.00 5.02
N GLU E 184 12.58 7.85 6.10
CA GLU E 184 12.12 8.99 6.85
C GLU E 184 13.12 9.34 7.95
N ASN E 185 13.54 10.61 7.99
CA ASN E 185 14.51 11.09 8.95
C ASN E 185 14.01 12.32 9.67
N VAL E 186 14.35 12.46 10.95
CA VAL E 186 13.99 13.64 11.70
C VAL E 186 14.92 14.83 11.37
N ALA E 187 14.31 15.96 11.01
CA ALA E 187 15.00 17.22 10.72
C ALA E 187 14.41 18.28 11.62
N VAL E 188 15.28 19.10 12.19
CA VAL E 188 14.90 20.10 13.16
C VAL E 188 15.22 21.49 12.61
N GLU E 189 14.33 22.47 12.89
CA GLU E 189 14.62 23.89 12.67
C GLU E 189 14.32 24.66 13.93
N LYS E 190 14.98 25.80 14.09
CA LYS E 190 14.83 26.67 15.25
C LYS E 190 14.35 28.04 14.84
N VAL E 191 13.43 28.62 15.64
CA VAL E 191 12.91 29.95 15.44
C VAL E 191 12.93 30.60 16.83
N THR E 192 13.19 31.91 16.87
CA THR E 192 13.13 32.66 18.12
C THR E 192 12.16 33.85 18.02
N TYR E 193 11.59 34.21 19.16
CA TYR E 193 10.69 35.33 19.28
C TYR E 193 11.00 36.05 20.58
N THR E 194 11.04 37.38 20.54
CA THR E 194 11.11 38.19 21.75
C THR E 194 10.02 39.23 21.72
N LYS E 195 9.21 39.27 22.78
CA LYS E 195 8.17 40.29 22.87
C LYS E 195 8.81 41.66 23.09
N PRO E 196 8.36 42.69 22.36
CA PRO E 196 8.83 44.04 22.66
C PRO E 196 8.57 44.47 24.11
N ALA F 4 32.98 -4.39 4.66
CA ALA F 4 32.34 -3.18 5.17
C ALA F 4 33.02 -2.74 6.46
N PHE F 5 33.14 -1.43 6.63
CA PHE F 5 33.81 -0.86 7.79
C PHE F 5 32.76 -0.32 8.76
N LEU F 6 32.43 -1.12 9.77
CA LEU F 6 31.37 -0.77 10.70
C LEU F 6 31.91 -0.03 11.92
N ILE F 7 31.25 1.08 12.26
CA ILE F 7 31.59 1.95 13.37
C ILE F 7 30.53 1.78 14.44
N LEU F 8 30.94 1.32 15.61
CA LEU F 8 30.05 1.20 16.76
C LEU F 8 30.04 2.50 17.54
N VAL F 9 28.84 2.97 17.85
CA VAL F 9 28.65 4.15 18.72
C VAL F 9 27.89 3.70 19.94
N ILE F 10 28.49 3.88 21.11
CA ILE F 10 28.01 3.25 22.33
C ILE F 10 28.34 4.09 23.53
N GLY F 11 27.51 4.05 24.56
CA GLY F 11 27.80 4.83 25.76
C GLY F 11 26.85 4.52 26.89
N ASN F 12 27.03 5.25 27.99
CA ASN F 12 26.17 5.16 29.16
C ASN F 12 25.94 3.73 29.60
N LEU F 13 27.03 2.99 29.76
CA LEU F 13 26.95 1.61 30.17
C LEU F 13 26.73 1.49 31.69
N HIS F 14 27.55 2.22 32.47
CA HIS F 14 27.36 2.31 33.91
C HIS F 14 27.39 0.93 34.58
N ILE F 15 28.36 0.12 34.18
CA ILE F 15 28.65 -1.14 34.83
C ILE F 15 29.76 -0.94 35.86
N PRO F 16 29.56 -1.36 37.12
CA PRO F 16 28.44 -2.11 37.72
C PRO F 16 27.44 -1.28 38.55
N ASP F 17 27.55 0.04 38.54
CA ASP F 17 26.79 0.85 39.47
C ASP F 17 25.30 0.95 39.13
N ARG F 18 24.94 0.79 37.86
CA ARG F 18 23.54 0.84 37.45
C ARG F 18 23.10 -0.41 36.72
N ALA F 19 24.03 -1.07 36.03
CA ALA F 19 23.71 -2.24 35.23
C ALA F 19 24.75 -3.30 35.49
N LEU F 20 24.40 -4.56 35.26
CA LEU F 20 25.31 -5.63 35.58
C LEU F 20 26.15 -6.02 34.38
N ASP F 21 25.57 -5.91 33.19
CA ASP F 21 26.12 -6.50 31.99
C ASP F 21 25.61 -5.82 30.73
N ILE F 22 26.40 -5.93 29.67
CA ILE F 22 25.86 -5.67 28.33
C ILE F 22 24.92 -6.82 28.02
N PRO F 23 23.70 -6.52 27.52
CA PRO F 23 22.75 -7.60 27.27
C PRO F 23 23.31 -8.72 26.37
N PRO F 24 23.05 -9.99 26.71
CA PRO F 24 23.57 -11.11 25.91
C PRO F 24 23.30 -10.96 24.41
N LYS F 25 22.09 -10.58 24.04
CA LYS F 25 21.79 -10.40 22.61
C LYS F 25 22.61 -9.31 21.97
N PHE F 26 22.98 -8.28 22.72
CA PHE F 26 23.85 -7.26 22.18
C PHE F 26 25.28 -7.78 22.06
N LYS F 27 25.74 -8.54 23.05
CA LYS F 27 27.07 -9.11 22.97
C LYS F 27 27.23 -9.99 21.74
N LYS F 28 26.18 -10.72 21.38
CA LYS F 28 26.23 -11.59 20.20
C LYS F 28 26.34 -10.75 18.92
N LEU F 29 25.67 -9.60 18.89
CA LEU F 29 25.76 -8.70 17.72
C LEU F 29 27.13 -8.07 17.56
N LEU F 30 27.86 -7.91 18.66
CA LEU F 30 29.09 -7.13 18.65
C LEU F 30 30.33 -8.00 18.84
N SER F 31 30.16 -9.30 18.71
CA SER F 31 31.24 -10.25 19.00
C SER F 31 32.47 -9.95 18.13
N PRO F 32 33.68 -10.25 18.64
CA PRO F 32 34.91 -9.86 17.96
C PRO F 32 34.95 -10.23 16.48
N GLY F 33 35.52 -9.35 15.66
CA GLY F 33 35.72 -9.64 14.25
C GLY F 33 34.75 -8.91 13.33
N LYS F 34 33.75 -8.28 13.91
CA LYS F 34 32.71 -7.59 13.14
C LYS F 34 32.87 -6.08 13.06
N ILE F 35 33.21 -5.44 14.19
CA ILE F 35 33.31 -4.00 14.29
C ILE F 35 34.72 -3.56 13.92
N SER F 36 34.86 -2.49 13.14
CA SER F 36 36.20 -1.97 12.79
C SER F 36 36.66 -0.83 13.69
N GLN F 37 35.74 -0.02 14.20
CA GLN F 37 36.09 1.07 15.10
C GLN F 37 34.97 1.30 16.07
N THR F 38 35.30 1.54 17.34
CA THR F 38 34.33 1.82 18.37
C THR F 38 34.53 3.24 18.86
N LEU F 39 33.45 3.99 18.83
CA LEU F 39 33.38 5.32 19.45
C LEU F 39 32.61 5.15 20.74
N CYS F 40 33.36 5.19 21.84
CA CYS F 40 32.78 5.00 23.15
C CYS F 40 32.64 6.34 23.86
N LEU F 41 31.40 6.71 24.18
CA LEU F 41 31.09 8.04 24.72
C LEU F 41 31.09 8.05 26.25
N GLY F 42 31.81 7.09 26.83
CA GLY F 42 32.09 7.10 28.25
C GLY F 42 31.07 6.43 29.15
N ASN F 43 31.33 6.55 30.44
CA ASN F 43 30.56 5.92 31.53
C ASN F 43 30.59 4.41 31.40
N LEU F 44 31.77 3.85 31.61
CA LEU F 44 31.96 2.41 31.44
C LEU F 44 31.31 1.59 32.58
N THR F 45 31.69 1.72 33.86
CA THR F 45 32.81 2.51 34.36
C THR F 45 34.02 1.63 34.73
N ASP F 46 33.84 0.32 34.84
CA ASP F 46 34.91 -0.50 35.42
C ASP F 46 35.87 -1.09 34.37
N ARG F 47 36.95 -1.69 34.87
CA ARG F 47 38.00 -2.21 34.01
C ARG F 47 37.51 -3.36 33.15
N ALA F 48 36.62 -4.19 33.70
CA ALA F 48 36.06 -5.31 32.96
C ALA F 48 35.31 -4.84 31.72
N THR F 49 34.61 -3.73 31.84
CA THR F 49 33.85 -3.18 30.74
C THR F 49 34.82 -2.57 29.72
N TYR F 50 35.85 -1.87 30.19
CA TYR F 50 36.90 -1.38 29.29
C TYR F 50 37.51 -2.54 28.50
N ASP F 51 37.91 -3.60 29.18
CA ASP F 51 38.53 -4.75 28.50
C ASP F 51 37.58 -5.37 27.48
N TYR F 52 36.30 -5.45 27.81
CA TYR F 52 35.34 -5.98 26.85
C TYR F 52 35.25 -5.08 25.61
N LEU F 53 35.19 -3.78 25.82
CA LEU F 53 35.09 -2.86 24.70
C LEU F 53 36.36 -2.94 23.84
N ARG F 54 37.52 -3.11 24.47
CA ARG F 54 38.75 -3.33 23.71
C ARG F 54 38.70 -4.54 22.78
N SER F 55 38.09 -5.63 23.25
CA SER F 55 38.06 -6.87 22.49
C SER F 55 37.13 -6.80 21.26
N ILE F 56 36.23 -5.81 21.24
CA ILE F 56 35.24 -5.65 20.15
C ILE F 56 35.81 -5.18 18.84
N SER F 57 36.82 -4.32 18.87
CA SER F 57 37.36 -3.79 17.61
C SER F 57 38.82 -3.41 17.76
N PRO F 58 39.54 -3.36 16.64
CA PRO F 58 40.97 -3.04 16.64
C PRO F 58 41.26 -1.55 16.89
N ASP F 59 40.21 -0.72 16.96
CA ASP F 59 40.37 0.71 17.16
C ASP F 59 39.31 1.24 18.11
N LEU F 60 39.67 1.33 19.38
CA LEU F 60 38.80 1.90 20.39
C LEU F 60 39.16 3.37 20.62
N LYS F 61 38.18 4.23 20.35
CA LYS F 61 38.30 5.66 20.58
C LYS F 61 37.33 5.98 21.73
N ILE F 62 37.83 6.47 22.86
CA ILE F 62 37.01 6.68 24.04
C ILE F 62 37.16 8.10 24.51
N VAL F 63 36.08 8.65 25.06
CA VAL F 63 36.10 9.93 25.75
C VAL F 63 35.62 9.72 27.17
N ARG F 64 35.98 10.65 28.03
CA ARG F 64 35.64 10.62 29.44
C ARG F 64 34.16 10.94 29.66
N GLY F 65 33.47 10.07 30.40
CA GLY F 65 32.13 10.36 30.84
C GLY F 65 32.10 10.89 32.25
N ARG F 66 30.96 11.42 32.65
CA ARG F 66 30.88 12.07 33.95
C ARG F 66 31.12 11.12 35.15
N MET F 67 30.88 9.83 34.96
CA MET F 67 31.06 8.87 36.05
C MET F 67 32.37 8.10 35.95
N ASP F 68 33.20 8.38 34.94
CA ASP F 68 34.38 7.56 34.76
C ASP F 68 35.45 7.90 35.79
N VAL F 69 36.24 6.87 36.12
CA VAL F 69 37.27 6.91 37.16
C VAL F 69 38.65 6.68 36.55
N GLU F 70 39.68 7.24 37.19
CA GLU F 70 41.06 7.11 36.72
C GLU F 70 41.18 7.39 35.23
N ALA F 71 40.45 8.40 34.77
CA ALA F 71 40.32 8.68 33.34
C ALA F 71 40.87 10.06 32.97
N THR F 72 41.75 10.59 33.81
CA THR F 72 42.40 11.86 33.54
C THR F 72 43.09 11.83 32.17
N SER F 73 43.53 10.65 31.75
CA SER F 73 44.19 10.48 30.46
C SER F 73 43.24 10.53 29.27
N LEU F 74 41.95 10.33 29.50
CA LEU F 74 40.98 10.29 28.41
C LEU F 74 40.62 11.68 27.95
N PRO F 75 40.43 11.86 26.64
CA PRO F 75 40.04 13.18 26.19
C PRO F 75 38.57 13.43 26.48
N LEU F 76 38.17 14.70 26.51
CA LEU F 76 36.77 15.04 26.73
C LEU F 76 35.99 15.00 25.44
N MET F 77 36.69 15.12 24.32
CA MET F 77 36.06 14.98 23.00
C MET F 77 37.04 14.35 22.04
N GLN F 78 36.54 13.85 20.92
CA GLN F 78 37.36 13.13 19.97
C GLN F 78 36.77 13.25 18.60
N VAL F 79 37.63 13.39 17.60
CA VAL F 79 37.22 13.35 16.20
C VAL F 79 37.83 12.16 15.50
N VAL F 80 37.06 11.58 14.57
CA VAL F 80 37.56 10.59 13.62
C VAL F 80 37.10 11.00 12.23
N THR F 81 37.87 10.57 11.24
CA THR F 81 37.56 10.85 9.84
C THR F 81 37.32 9.55 9.08
N HIS F 82 36.24 9.53 8.28
CA HIS F 82 35.89 8.43 7.38
C HIS F 82 35.39 8.97 6.05
N GLY F 83 36.02 8.54 4.98
CA GLY F 83 35.74 9.08 3.67
C GLY F 83 35.83 10.58 3.70
N SER F 84 34.74 11.21 3.28
CA SER F 84 34.66 12.66 3.24
C SER F 84 34.03 13.27 4.49
N LEU F 85 33.73 12.45 5.49
CA LEU F 85 33.08 12.95 6.69
C LEU F 85 33.97 12.97 7.91
N ARG F 86 33.80 14.03 8.68
CA ARG F 86 34.39 14.16 10.00
C ARG F 86 33.30 13.91 11.03
N ILE F 87 33.61 13.05 12.00
CA ILE F 87 32.69 12.68 13.07
C ILE F 87 33.28 13.04 14.41
N GLY F 88 32.58 13.83 15.19
CA GLY F 88 33.04 14.19 16.53
C GLY F 88 32.17 13.55 17.58
N PHE F 89 32.73 13.34 18.77
CA PHE F 89 31.92 12.86 19.87
C PHE F 89 32.45 13.28 21.21
N LEU F 90 31.53 13.31 22.16
CA LEU F 90 31.80 13.72 23.53
C LEU F 90 30.68 13.18 24.36
N GLU F 91 30.82 13.12 25.68
CA GLU F 91 29.75 12.58 26.48
C GLU F 91 28.63 13.61 26.60
N GLY F 92 28.98 14.87 26.82
CA GLY F 92 27.99 15.91 26.93
C GLY F 92 28.08 16.74 28.20
N PHE F 93 28.65 16.19 29.26
CA PHE F 93 28.60 16.85 30.57
C PHE F 93 29.43 18.14 30.59
N THR F 94 30.32 18.29 29.61
CA THR F 94 31.14 19.50 29.53
C THR F 94 30.45 20.67 28.84
N LEU F 95 29.29 20.40 28.23
CA LEU F 95 28.53 21.46 27.58
C LEU F 95 27.52 22.05 28.54
N VAL F 96 27.03 23.26 28.22
CA VAL F 96 26.10 23.92 29.10
C VAL F 96 24.73 23.29 29.03
N SER F 97 24.46 22.60 27.93
CA SER F 97 23.16 21.96 27.72
C SER F 97 23.28 21.02 26.52
N GLU F 98 22.16 20.45 26.09
CA GLU F 98 22.19 19.73 24.83
C GLU F 98 21.21 20.38 23.84
N GLU F 99 21.00 21.69 23.99
CA GLU F 99 20.22 22.47 23.02
C GLU F 99 20.85 22.40 21.64
N PRO F 100 20.03 22.37 20.58
CA PRO F 100 20.61 22.21 19.25
C PRO F 100 21.74 23.19 18.87
N ASP F 101 21.68 24.47 19.24
CA ASP F 101 22.75 25.40 18.89
C ASP F 101 23.98 25.18 19.72
N VAL F 102 23.81 24.62 20.91
CA VAL F 102 24.94 24.29 21.74
C VAL F 102 25.68 23.09 21.15
N LEU F 103 24.96 22.06 20.70
CA LEU F 103 25.59 20.95 19.99
C LEU F 103 26.22 21.41 18.68
N LEU F 104 25.50 22.25 17.93
CA LEU F 104 26.01 22.75 16.65
C LEU F 104 27.29 23.55 16.85
N ALA F 105 27.34 24.35 17.90
CA ALA F 105 28.53 25.13 18.15
C ALA F 105 29.74 24.23 18.33
N GLU F 106 29.56 23.11 19.00
CA GLU F 106 30.64 22.16 19.19
C GLU F 106 31.04 21.52 17.89
N ALA F 107 30.05 21.15 17.08
CA ALA F 107 30.32 20.54 15.79
C ALA F 107 31.13 21.52 14.92
N ASN F 108 30.83 22.81 15.02
CA ASN F 108 31.50 23.79 14.16
C ASN F 108 32.92 24.04 14.64
N LYS F 109 33.16 23.98 15.95
CA LYS F 109 34.52 24.17 16.47
C LYS F 109 35.41 23.02 16.03
N LEU F 110 34.84 21.83 16.02
CA LEU F 110 35.58 20.62 15.68
C LEU F 110 35.65 20.40 14.16
N ASP F 111 34.94 21.23 13.41
CA ASP F 111 34.73 21.04 11.95
C ASP F 111 34.31 19.61 11.64
N VAL F 112 33.25 19.16 12.30
CA VAL F 112 32.69 17.84 12.04
C VAL F 112 31.30 17.97 11.43
N ASP F 113 30.99 16.97 10.62
CA ASP F 113 29.67 16.89 9.98
C ASP F 113 28.67 16.18 10.85
N VAL F 114 29.17 15.30 11.70
CA VAL F 114 28.37 14.44 12.55
C VAL F 114 28.87 14.64 13.96
N LEU F 115 27.98 14.92 14.91
CA LEU F 115 28.36 15.02 16.32
C LEU F 115 27.56 14.06 17.14
N CYS F 116 28.25 13.20 17.89
CA CYS F 116 27.61 12.23 18.78
C CYS F 116 27.79 12.65 20.22
N TRP F 117 26.73 12.50 21.00
CA TRP F 117 26.80 12.77 22.43
C TRP F 117 25.96 11.74 23.18
N ALA F 118 26.20 11.57 24.47
CA ALA F 118 25.48 10.56 25.24
C ALA F 118 25.32 11.02 26.67
N GLY F 119 24.44 11.98 26.86
CA GLY F 119 24.29 12.64 28.13
C GLY F 119 23.40 11.87 29.10
N GLY F 120 22.97 12.59 30.13
CA GLY F 120 22.34 11.99 31.29
C GLY F 120 20.95 11.44 31.08
N SER F 121 20.31 11.76 29.97
CA SER F 121 18.95 11.26 29.72
C SER F 121 18.92 9.79 29.30
N HIS F 122 20.04 9.28 28.79
CA HIS F 122 20.13 7.90 28.29
C HIS F 122 19.06 7.63 27.23
N ARG F 123 18.75 8.65 26.42
CA ARG F 123 17.73 8.54 25.37
C ARG F 123 18.37 8.53 23.98
N PHE F 124 18.16 7.44 23.24
CA PHE F 124 18.53 7.42 21.84
C PHE F 124 17.80 8.48 21.06
N GLU F 125 18.56 9.19 20.25
CA GLU F 125 18.03 10.26 19.41
C GLU F 125 18.93 10.49 18.21
N CYS F 126 18.36 10.77 17.04
CA CYS F 126 19.10 11.27 15.90
C CYS F 126 18.29 12.41 15.28
N PHE F 127 18.96 13.47 14.88
CA PHE F 127 18.27 14.48 14.07
C PHE F 127 19.27 15.22 13.22
N GLU F 128 18.77 15.81 12.15
CA GLU F 128 19.55 16.70 11.31
C GLU F 128 19.17 18.14 11.66
N TYR F 129 20.18 19.00 11.74
CA TYR F 129 20.00 20.40 12.11
C TYR F 129 21.11 21.23 11.47
N MET F 130 20.70 22.27 10.76
CA MET F 130 21.65 23.16 10.08
C MET F 130 22.67 22.35 9.27
N ASP F 131 22.15 21.39 8.52
CA ASP F 131 22.89 20.60 7.55
C ASP F 131 23.94 19.67 8.17
N LYS F 132 23.89 19.51 9.50
CA LYS F 132 24.77 18.58 10.21
C LYS F 132 23.91 17.53 10.91
N PHE F 133 24.55 16.48 11.38
CA PHE F 133 23.87 15.29 11.90
C PHE F 133 24.25 15.06 13.34
N PHE F 134 23.25 14.79 14.18
CA PHE F 134 23.43 14.71 15.62
C PHE F 134 22.89 13.38 16.13
N VAL F 135 23.72 12.65 16.88
CA VAL F 135 23.46 11.26 17.25
C VAL F 135 23.69 11.04 18.72
N ASN F 136 22.71 10.50 19.42
CA ASN F 136 22.84 10.04 20.80
C ASN F 136 22.48 8.57 20.78
N PRO F 137 23.42 7.68 21.09
CA PRO F 137 23.18 6.23 20.96
C PRO F 137 22.37 5.66 22.12
N GLY F 138 22.05 6.46 23.13
CA GLY F 138 21.39 5.95 24.31
C GLY F 138 22.34 5.09 25.14
N SER F 139 21.78 4.24 25.97
CA SER F 139 22.52 3.38 26.90
C SER F 139 22.52 1.94 26.42
N ALA F 140 23.70 1.36 26.21
CA ALA F 140 23.79 0.00 25.71
C ALA F 140 23.29 -1.02 26.72
N THR F 141 23.20 -0.60 27.98
CA THR F 141 22.80 -1.51 29.05
C THR F 141 21.38 -1.25 29.55
N GLY F 142 20.74 -0.23 29.01
CA GLY F 142 19.47 0.21 29.55
C GLY F 142 19.60 0.74 30.98
N ALA F 143 20.74 1.37 31.26
CA ALA F 143 21.01 1.89 32.61
C ALA F 143 20.03 2.98 32.99
N PHE F 144 19.57 2.97 34.24
CA PHE F 144 18.66 4.00 34.68
C PHE F 144 19.33 5.38 34.72
N THR F 145 18.47 6.40 34.59
CA THR F 145 18.82 7.83 34.47
C THR F 145 17.95 8.69 35.36
N THR F 146 18.56 9.23 36.41
CA THR F 146 17.88 9.85 37.53
C THR F 146 18.92 9.91 38.64
N VAL F 155 14.36 2.61 30.54
CA VAL F 155 15.37 2.88 29.52
C VAL F 155 15.54 1.66 28.62
N VAL F 156 15.47 1.89 27.31
CA VAL F 156 15.57 0.82 26.32
C VAL F 156 17.03 0.66 25.94
N PRO F 157 17.61 -0.54 26.14
CA PRO F 157 18.99 -0.70 25.70
C PRO F 157 19.17 -0.43 24.21
N SER F 158 20.18 0.36 23.86
CA SER F 158 20.47 0.61 22.47
C SER F 158 21.92 0.90 22.20
N PHE F 159 22.30 0.70 20.96
CA PHE F 159 23.56 1.19 20.42
C PHE F 159 23.35 1.43 18.94
N CYS F 160 24.34 2.05 18.30
CA CYS F 160 24.28 2.34 16.88
C CYS F 160 25.47 1.79 16.14
N LEU F 161 25.23 1.37 14.91
CA LEU F 161 26.27 1.08 13.93
C LEU F 161 26.18 2.10 12.82
N MET F 162 27.33 2.63 12.39
CA MET F 162 27.38 3.58 11.29
C MET F 162 28.24 3.03 10.16
N ASP F 163 27.83 3.33 8.92
CA ASP F 163 28.50 2.94 7.68
C ASP F 163 28.68 4.23 6.86
N VAL F 164 29.91 4.65 6.55
CA VAL F 164 30.16 5.84 5.76
C VAL F 164 30.55 5.47 4.34
N GLN F 165 29.91 6.13 3.38
CA GLN F 165 30.29 5.99 1.99
C GLN F 165 30.39 7.38 1.38
N GLY F 166 31.61 7.89 1.28
CA GLY F 166 31.86 9.19 0.68
C GLY F 166 31.28 10.29 1.54
N ILE F 167 30.28 10.99 1.01
CA ILE F 167 29.65 12.06 1.77
C ILE F 167 28.36 11.63 2.43
N SER F 168 28.05 10.33 2.37
CA SER F 168 26.81 9.80 2.92
C SER F 168 27.09 8.85 4.08
N LEU F 169 26.17 8.83 5.03
CA LEU F 169 26.26 7.98 6.19
C LEU F 169 24.95 7.24 6.36
N THR F 170 25.01 5.99 6.76
CA THR F 170 23.82 5.30 7.20
C THR F 170 24.05 4.87 8.63
N LEU F 171 23.06 5.11 9.47
CA LEU F 171 23.10 4.73 10.86
C LEU F 171 22.00 3.70 11.12
N TYR F 172 22.33 2.67 11.88
CA TYR F 172 21.40 1.63 12.28
C TYR F 172 21.36 1.61 13.78
N VAL F 173 20.18 1.85 14.35
CA VAL F 173 20.04 1.76 15.79
C VAL F 173 19.43 0.41 16.13
N TYR F 174 20.07 -0.27 17.08
CA TYR F 174 19.62 -1.55 17.59
C TYR F 174 19.03 -1.33 18.96
N GLN F 175 17.82 -1.84 19.19
CA GLN F 175 17.14 -1.68 20.46
C GLN F 175 16.59 -3.00 20.91
N LEU F 176 16.59 -3.20 22.22
CA LEU F 176 16.12 -4.44 22.82
C LEU F 176 14.90 -4.15 23.65
N ARG F 177 13.79 -4.80 23.32
CA ARG F 177 12.58 -4.67 24.12
C ARG F 177 12.05 -6.02 24.56
N LYS F 178 11.70 -6.10 25.84
CA LYS F 178 11.09 -7.30 26.41
C LYS F 178 9.63 -7.34 26.06
N ASP F 179 9.15 -8.49 25.60
CA ASP F 179 7.70 -8.66 25.43
C ASP F 179 7.08 -9.27 26.69
N GLU F 180 5.78 -9.60 26.59
CA GLU F 180 5.00 -10.10 27.72
C GLU F 180 5.51 -11.43 28.28
N ASN F 181 6.30 -12.15 27.49
CA ASN F 181 6.87 -13.43 27.92
C ASN F 181 8.31 -13.30 28.36
N GLY F 182 8.82 -12.07 28.39
CA GLY F 182 10.18 -11.83 28.82
C GLY F 182 11.21 -12.11 27.72
N THR F 183 10.75 -12.43 26.52
CA THR F 183 11.66 -12.55 25.39
C THR F 183 12.21 -11.19 25.04
N GLU F 184 13.52 -11.11 24.86
CA GLU F 184 14.15 -9.90 24.37
C GLU F 184 14.07 -9.85 22.84
N ASN F 185 13.46 -8.79 22.34
CA ASN F 185 13.28 -8.59 20.90
C ASN F 185 14.22 -7.53 20.34
N VAL F 186 14.93 -7.84 19.27
CA VAL F 186 15.82 -6.87 18.62
C VAL F 186 15.08 -6.18 17.49
N ALA F 187 15.02 -4.85 17.56
CA ALA F 187 14.37 -4.02 16.56
C ALA F 187 15.42 -3.05 16.05
N VAL F 188 15.47 -2.88 14.74
CA VAL F 188 16.46 -2.03 14.08
C VAL F 188 15.74 -0.92 13.36
N GLU F 189 16.31 0.29 13.37
CA GLU F 189 15.82 1.41 12.58
C GLU F 189 17.02 2.03 11.88
N LYS F 190 16.75 2.60 10.72
CA LYS F 190 17.72 3.25 9.87
C LYS F 190 17.51 4.74 9.84
N VAL F 191 18.65 5.43 9.86
CA VAL F 191 18.71 6.88 9.65
C VAL F 191 19.76 7.11 8.57
N THR F 192 19.48 7.97 7.61
CA THR F 192 20.47 8.39 6.62
C THR F 192 20.79 9.87 6.70
N TYR F 193 22.04 10.18 6.37
CA TYR F 193 22.52 11.56 6.31
C TYR F 193 23.45 11.70 5.12
N THR F 194 23.24 12.77 4.34
CA THR F 194 24.19 13.15 3.30
C THR F 194 24.57 14.61 3.54
N LYS F 195 25.88 14.87 3.52
CA LYS F 195 26.38 16.22 3.69
C LYS F 195 25.99 17.08 2.48
N PRO F 196 25.49 18.30 2.73
CA PRO F 196 25.33 19.31 1.67
C PRO F 196 26.66 19.87 1.21
C1 PGE G . -39.49 12.54 -26.21
O1 PGE G . -40.20 13.47 -27.07
C2 PGE G . -38.18 12.20 -26.88
O2 PGE G . -37.16 12.22 -25.88
C3 PGE G . -35.84 12.44 -26.42
C4 PGE G . -34.89 12.84 -25.27
O4 PGE G . -35.72 15.74 -22.30
C6 PGE G . -34.89 16.01 -23.42
C5 PGE G . -34.35 14.77 -23.93
O3 PGE G . -35.35 14.10 -24.67
C1 GOL H . -29.37 16.58 -9.02
O1 GOL H . -30.20 17.72 -8.88
C2 GOL H . -30.09 15.49 -9.84
O2 GOL H . -31.39 15.90 -10.21
C3 GOL H . -29.31 14.98 -11.03
O3 GOL H . -30.13 14.23 -11.91
H11 GOL H . -29.10 16.18 -8.05
H12 GOL H . -28.45 16.87 -9.54
HO1 GOL H . -29.75 18.38 -8.30
H2 GOL H . -30.19 14.64 -9.16
HO2 GOL H . -31.32 16.61 -10.89
H31 GOL H . -28.49 14.35 -10.69
H32 GOL H . -28.88 15.82 -11.57
HO3 GOL H . -31.04 14.63 -11.92
C1 GOL I . -15.00 14.15 -1.44
O1 GOL I . -15.37 15.39 -1.99
C2 GOL I . -15.38 12.96 -2.34
O2 GOL I . -15.82 13.31 -3.65
C3 GOL I . -14.19 12.04 -2.41
O3 GOL I . -14.63 10.85 -2.98
H11 GOL I . -15.47 14.03 -0.47
H12 GOL I . -13.92 14.14 -1.29
HO1 GOL I . -15.16 16.11 -1.36
H2 GOL I . -16.18 12.43 -1.83
HO2 GOL I . -15.08 13.75 -4.14
H31 GOL I . -13.79 11.85 -1.40
H32 GOL I . -13.40 12.48 -3.02
HO3 GOL I . -13.99 10.55 -3.65
#